data_5O5D
#
_entry.id   5O5D
#
_cell.length_a   56.170
_cell.length_b   71.670
_cell.length_c   104.220
_cell.angle_alpha   90.00
_cell.angle_beta   90.00
_cell.angle_gamma   90.00
#
_symmetry.space_group_name_H-M   'P 1 21 1'
#
loop_
_entity.id
_entity.type
_entity.pdbx_description
1 polymer Glucanase
2 non-polymer 2-acetamido-2-deoxy-beta-D-glucopyranose
3 non-polymer 'NICKEL (II) ION'
4 non-polymer 2-[BIS-(2-HYDROXY-ETHYL)-AMINO]-2-HYDROXYMETHYL-PROPANE-1,3-DIOL
5 non-polymer GLYCEROL
6 non-polymer 'CHLORIDE ION'
7 non-polymer DI(HYDROXYETHYL)ETHER
8 water water
#
_entity_poly.entity_id   1
_entity_poly.type   'polypeptide(L)'
_entity_poly.pdbx_seq_one_letter_code
;(PCA)QVCTTQAETHPALSWSKCTSGGSCTTQAGKVVLDANWRWTHAYPSGNNCYNGNTWDATLCPDDATCAKNCCLEGA
DYSGTYGVTTSGNQLTIDFVTQSANKNVGARLYLMASDTAYEEFTLLNNEFSFDVDVSALPCGLNGALYFVSMDADGGAS
KYPTNLAGAKYGTGYCDSQCPRDLKFISGQANVEGWQPSSNNANTGIGGHGSCCSEMDIWEANSISQALTPHPCETVGQV
TCSGDDCGGTYSNNRYGGTCDPDGCDWNPYRLGNHTFYGPGSGFTVDTTKKITVVTQFSSTGINRYYVQNGVKFVQPNAS
GLSGYTGNTINSAYCSAEQTAFGGTSFTDKGGLTQMNKALSGGMVLVLSLWDDYAANMLWLDSTYPTNDTASTPGAARGT
CSTSSGVPATVEQQSPNSKVVFSNIKFGPIGSTG
;
_entity_poly.pdbx_strand_id   A,B
#
# COMPACT_ATOMS: atom_id res chain seq x y z
N GLN A 2 22.89 -11.26 -8.27
CA GLN A 2 22.58 -12.21 -7.20
C GLN A 2 21.17 -11.94 -6.66
N VAL A 3 20.75 -12.74 -5.68
CA VAL A 3 19.44 -12.59 -5.04
C VAL A 3 19.64 -12.41 -3.54
N CYS A 4 19.00 -11.39 -2.97
CA CYS A 4 18.92 -11.20 -1.52
C CYS A 4 17.46 -11.24 -1.05
N THR A 5 17.28 -11.50 0.25
CA THR A 5 15.96 -11.80 0.79
C THR A 5 15.56 -11.06 2.06
N THR A 6 16.16 -9.90 2.34
N THR A 6 16.19 -9.91 2.33
CA THR A 6 15.70 -9.06 3.44
CA THR A 6 15.72 -9.00 3.38
C THR A 6 14.31 -8.47 3.14
C THR A 6 14.27 -8.61 3.13
N GLN A 7 13.96 -8.37 1.86
CA GLN A 7 12.59 -8.08 1.42
C GLN A 7 12.15 -9.30 0.61
N ALA A 8 11.05 -9.92 1.05
CA ALA A 8 10.53 -11.11 0.41
C ALA A 8 9.97 -10.77 -0.97
N GLU A 9 10.07 -11.73 -1.89
CA GLU A 9 9.50 -11.59 -3.23
C GLU A 9 8.34 -12.56 -3.40
N THR A 10 7.14 -11.99 -3.50
CA THR A 10 5.92 -12.75 -3.71
C THR A 10 5.19 -12.07 -4.86
N HIS A 11 5.00 -12.83 -5.94
CA HIS A 11 4.41 -12.31 -7.16
C HIS A 11 2.89 -12.23 -7.01
N PRO A 12 2.30 -11.02 -7.18
CA PRO A 12 0.85 -10.91 -7.14
C PRO A 12 0.18 -11.80 -8.18
N ALA A 13 -0.89 -12.49 -7.76
CA ALA A 13 -1.62 -13.39 -8.65
C ALA A 13 -2.42 -12.57 -9.66
N LEU A 14 -2.56 -13.09 -10.86
CA LEU A 14 -3.42 -12.46 -11.88
C LEU A 14 -4.00 -13.54 -12.77
N SER A 15 -5.32 -13.66 -12.75
N SER A 15 -5.32 -13.70 -12.74
CA SER A 15 -6.05 -14.60 -13.59
CA SER A 15 -5.97 -14.68 -13.60
C SER A 15 -6.16 -14.04 -15.00
C SER A 15 -6.22 -14.08 -14.97
N TRP A 16 -6.13 -14.92 -16.00
CA TRP A 16 -6.45 -14.54 -17.39
C TRP A 16 -7.09 -15.74 -18.07
N SER A 17 -7.58 -15.53 -19.29
N SER A 17 -7.55 -15.53 -19.30
CA SER A 17 -8.31 -16.58 -20.01
CA SER A 17 -8.31 -16.54 -20.03
C SER A 17 -7.59 -17.01 -21.29
C SER A 17 -7.59 -17.01 -21.29
N LYS A 18 -7.41 -18.32 -21.43
CA LYS A 18 -6.89 -18.91 -22.66
C LYS A 18 -8.10 -19.47 -23.41
N CYS A 19 -8.32 -19.00 -24.63
CA CYS A 19 -9.42 -19.45 -25.45
C CYS A 19 -8.91 -20.32 -26.58
N THR A 20 -9.77 -21.25 -26.99
CA THR A 20 -9.44 -22.18 -28.06
C THR A 20 -10.42 -22.02 -29.20
N SER A 21 -10.02 -22.57 -30.34
CA SER A 21 -10.82 -22.55 -31.56
C SER A 21 -12.20 -23.16 -31.23
N GLY A 22 -13.26 -22.41 -31.55
CA GLY A 22 -14.62 -22.71 -31.10
C GLY A 22 -15.16 -21.80 -30.01
N GLY A 23 -14.29 -21.08 -29.30
CA GLY A 23 -14.71 -20.07 -28.32
C GLY A 23 -14.78 -20.51 -26.88
N SER A 24 -14.42 -21.76 -26.57
CA SER A 24 -14.25 -22.18 -25.18
C SER A 24 -13.02 -21.51 -24.57
N CYS A 25 -13.15 -20.93 -23.38
CA CYS A 25 -12.02 -20.32 -22.67
C CYS A 25 -11.88 -20.91 -21.27
N THR A 26 -10.64 -21.05 -20.80
CA THR A 26 -10.40 -21.54 -19.44
C THR A 26 -9.46 -20.61 -18.68
N THR A 27 -9.65 -20.55 -17.36
CA THR A 27 -8.90 -19.61 -16.52
C THR A 27 -7.48 -20.09 -16.27
N GLN A 28 -6.52 -19.19 -16.42
CA GLN A 28 -5.11 -19.48 -16.24
C GLN A 28 -4.66 -18.76 -14.98
N ALA A 29 -3.92 -19.46 -14.13
CA ALA A 29 -3.46 -18.92 -12.85
C ALA A 29 -2.10 -18.23 -13.01
N GLY A 30 -2.10 -17.02 -13.55
CA GLY A 30 -0.86 -16.30 -13.79
C GLY A 30 -0.44 -15.49 -12.59
N LYS A 31 0.69 -14.82 -12.72
CA LYS A 31 1.14 -13.84 -11.75
C LYS A 31 1.97 -12.79 -12.44
N VAL A 32 2.24 -11.70 -11.73
CA VAL A 32 3.05 -10.64 -12.31
C VAL A 32 4.30 -10.40 -11.50
N VAL A 33 5.31 -9.85 -12.16
CA VAL A 33 6.60 -9.58 -11.53
C VAL A 33 7.14 -8.23 -11.95
N LEU A 34 7.70 -7.51 -10.97
CA LEU A 34 8.25 -6.19 -11.17
C LEU A 34 9.60 -6.27 -11.87
N ASP A 35 9.79 -5.42 -12.87
CA ASP A 35 11.09 -5.27 -13.54
C ASP A 35 12.23 -4.92 -12.55
N ALA A 36 13.38 -5.53 -12.79
CA ALA A 36 14.56 -5.42 -11.92
C ALA A 36 15.04 -4.00 -11.68
N ASN A 37 14.85 -3.10 -12.65
CA ASN A 37 15.28 -1.70 -12.49
C ASN A 37 14.62 -0.96 -11.34
N TRP A 38 13.41 -1.36 -10.96
CA TRP A 38 12.70 -0.72 -9.87
C TRP A 38 13.19 -1.21 -8.51
N ARG A 39 13.96 -2.31 -8.47
CA ARG A 39 14.34 -2.93 -7.21
C ARG A 39 15.53 -2.27 -6.54
N TRP A 40 15.59 -2.44 -5.22
CA TRP A 40 16.76 -2.11 -4.42
C TRP A 40 17.90 -3.09 -4.76
N THR A 41 19.10 -2.57 -5.03
N THR A 41 19.09 -2.54 -4.99
CA THR A 41 20.25 -3.43 -5.26
CA THR A 41 20.28 -3.33 -5.31
C THR A 41 21.38 -3.08 -4.30
C THR A 41 21.35 -3.04 -4.26
N HIS A 42 21.84 -4.09 -3.58
CA HIS A 42 22.88 -3.93 -2.54
C HIS A 42 23.86 -5.08 -2.54
N ALA A 43 24.93 -4.92 -1.76
CA ALA A 43 25.97 -5.94 -1.70
C ALA A 43 25.43 -7.29 -1.25
N TYR A 44 25.90 -8.35 -1.90
CA TYR A 44 25.52 -9.72 -1.60
C TYR A 44 26.59 -10.36 -0.69
N PRO A 45 26.23 -11.08 0.37
CA PRO A 45 24.84 -11.33 0.80
C PRO A 45 24.22 -10.18 1.60
N SER A 46 25.04 -9.23 2.03
CA SER A 46 24.54 -8.04 2.69
C SER A 46 25.62 -6.99 2.61
N GLY A 47 25.22 -5.74 2.83
CA GLY A 47 26.16 -4.62 2.81
C GLY A 47 25.58 -3.36 2.18
N ASN A 48 26.48 -2.53 1.65
CA ASN A 48 26.11 -1.22 1.12
C ASN A 48 25.35 -1.34 -0.20
N ASN A 49 24.63 -0.27 -0.52
CA ASN A 49 23.93 -0.15 -1.80
C ASN A 49 24.92 -0.15 -2.95
N CYS A 50 24.63 -0.92 -4.00
CA CYS A 50 25.43 -0.92 -5.21
C CYS A 50 25.05 0.25 -6.11
N TYR A 51 23.78 0.65 -6.03
CA TYR A 51 23.24 1.78 -6.75
C TYR A 51 22.43 2.59 -5.75
N ASN A 52 22.58 3.90 -5.81
CA ASN A 52 21.86 4.80 -4.92
C ASN A 52 21.72 6.15 -5.61
N GLY A 53 20.49 6.68 -5.58
CA GLY A 53 20.16 7.87 -6.35
C GLY A 53 20.24 7.52 -7.83
N ASN A 54 21.21 8.09 -8.52
CA ASN A 54 21.49 7.72 -9.91
C ASN A 54 22.96 7.41 -10.18
N THR A 55 23.67 6.93 -9.15
CA THR A 55 25.10 6.57 -9.29
C THR A 55 25.44 5.24 -8.63
N TRP A 56 26.48 4.60 -9.15
CA TRP A 56 26.92 3.30 -8.66
C TRP A 56 28.01 3.45 -7.60
N ASP A 57 28.17 2.42 -6.78
CA ASP A 57 29.26 2.33 -5.80
C ASP A 57 30.50 1.78 -6.51
N ALA A 58 31.57 2.57 -6.57
CA ALA A 58 32.77 2.19 -7.34
C ALA A 58 33.51 0.98 -6.77
N THR A 59 33.52 0.85 -5.45
CA THR A 59 34.17 -0.27 -4.76
C THR A 59 33.48 -1.60 -5.08
N LEU A 60 32.16 -1.63 -4.91
CA LEU A 60 31.37 -2.83 -5.22
C LEU A 60 31.30 -3.11 -6.73
N CYS A 61 31.25 -2.04 -7.51
CA CYS A 61 31.05 -2.14 -8.95
C CYS A 61 32.16 -1.44 -9.77
N PRO A 62 33.39 -1.99 -9.73
CA PRO A 62 34.50 -1.41 -10.52
C PRO A 62 34.37 -1.67 -12.02
N ASP A 63 33.69 -2.75 -12.37
CA ASP A 63 33.39 -3.10 -13.74
C ASP A 63 32.03 -3.82 -13.77
N ASP A 64 31.51 -4.03 -14.97
CA ASP A 64 30.20 -4.63 -15.17
C ASP A 64 30.07 -6.04 -14.59
N ALA A 65 31.09 -6.88 -14.81
CA ALA A 65 31.06 -8.28 -14.37
C ALA A 65 31.18 -8.42 -12.86
N THR A 66 32.13 -7.68 -12.27
CA THR A 66 32.35 -7.74 -10.82
C THR A 66 31.14 -7.23 -10.08
N CYS A 67 30.55 -6.14 -10.58
CA CYS A 67 29.33 -5.56 -10.00
C CYS A 67 28.20 -6.58 -9.90
N ALA A 68 27.96 -7.33 -10.97
CA ALA A 68 26.93 -8.37 -10.98
C ALA A 68 27.23 -9.54 -10.03
N LYS A 69 28.52 -9.85 -9.85
CA LYS A 69 28.93 -10.87 -8.87
C LYS A 69 28.74 -10.39 -7.43
N ASN A 70 29.01 -9.09 -7.20
CA ASN A 70 28.96 -8.52 -5.85
C ASN A 70 27.60 -8.02 -5.40
N CYS A 71 26.64 -7.89 -6.32
CA CYS A 71 25.38 -7.19 -6.03
C CYS A 71 24.19 -8.08 -6.27
N CYS A 72 23.19 -7.93 -5.40
CA CYS A 72 21.95 -8.68 -5.50
C CYS A 72 20.77 -7.75 -5.70
N LEU A 73 19.69 -8.32 -6.25
CA LEU A 73 18.39 -7.68 -6.29
C LEU A 73 17.57 -8.14 -5.09
N GLU A 74 16.75 -7.23 -4.57
CA GLU A 74 15.83 -7.52 -3.45
C GLU A 74 14.40 -7.73 -3.92
N GLY A 75 13.60 -8.31 -3.02
CA GLY A 75 12.16 -8.41 -3.23
C GLY A 75 11.50 -7.05 -3.18
N ALA A 76 10.22 -7.04 -3.57
CA ALA A 76 9.47 -5.81 -3.75
C ALA A 76 8.17 -5.85 -2.96
N ASP A 77 7.87 -4.76 -2.27
CA ASP A 77 6.57 -4.56 -1.66
C ASP A 77 5.67 -3.92 -2.73
N TYR A 78 4.95 -4.78 -3.44
CA TYR A 78 4.20 -4.38 -4.65
C TYR A 78 3.21 -3.24 -4.37
N SER A 79 2.36 -3.39 -3.35
N SER A 79 2.36 -3.39 -3.35
CA SER A 79 1.37 -2.36 -3.02
CA SER A 79 1.37 -2.37 -3.02
C SER A 79 2.00 -1.16 -2.30
C SER A 79 2.01 -1.17 -2.31
N GLY A 80 2.75 -1.44 -1.23
CA GLY A 80 3.24 -0.38 -0.34
C GLY A 80 4.30 0.53 -0.92
N THR A 81 5.18 -0.03 -1.76
CA THR A 81 6.24 0.74 -2.40
C THR A 81 5.89 1.11 -3.84
N TYR A 82 5.35 0.14 -4.58
CA TYR A 82 5.15 0.32 -6.02
C TYR A 82 3.74 0.59 -6.53
N GLY A 83 2.74 0.59 -5.64
CA GLY A 83 1.37 0.93 -6.04
C GLY A 83 0.76 -0.08 -7.00
N VAL A 84 1.20 -1.33 -6.90
CA VAL A 84 0.76 -2.41 -7.76
C VAL A 84 -0.09 -3.37 -6.94
N THR A 85 -1.35 -3.57 -7.37
CA THR A 85 -2.25 -4.51 -6.72
C THR A 85 -3.01 -5.32 -7.76
N THR A 86 -3.43 -6.51 -7.35
CA THR A 86 -4.28 -7.36 -8.19
C THR A 86 -5.47 -7.90 -7.41
N SER A 87 -6.52 -8.20 -8.16
CA SER A 87 -7.71 -8.83 -7.62
C SER A 87 -8.36 -9.62 -8.74
N GLY A 88 -8.40 -10.94 -8.59
CA GLY A 88 -8.96 -11.79 -9.64
C GLY A 88 -8.21 -11.60 -10.95
N ASN A 89 -8.92 -11.17 -11.99
CA ASN A 89 -8.31 -10.87 -13.31
C ASN A 89 -7.93 -9.40 -13.52
N GLN A 90 -7.97 -8.59 -12.45
CA GLN A 90 -7.71 -7.16 -12.52
C GLN A 90 -6.35 -6.80 -11.94
N LEU A 91 -5.61 -5.94 -12.66
CA LEU A 91 -4.33 -5.39 -12.22
C LEU A 91 -4.41 -3.86 -12.21
N THR A 92 -4.03 -3.25 -11.09
CA THR A 92 -3.98 -1.79 -10.97
C THR A 92 -2.53 -1.36 -10.76
N ILE A 93 -2.12 -0.32 -11.49
CA ILE A 93 -0.83 0.34 -11.30
C ILE A 93 -1.11 1.82 -11.00
N ASP A 94 -0.77 2.24 -9.79
CA ASP A 94 -0.83 3.66 -9.42
C ASP A 94 0.36 4.43 -9.99
N PHE A 95 0.16 5.73 -10.17
CA PHE A 95 1.20 6.59 -10.75
C PHE A 95 2.28 6.95 -9.72
N VAL A 96 1.95 7.73 -8.71
CA VAL A 96 2.94 8.09 -7.67
C VAL A 96 2.60 7.38 -6.36
N THR A 97 3.58 6.64 -5.84
CA THR A 97 3.44 5.97 -4.54
C THR A 97 4.59 6.44 -3.67
N GLN A 98 4.23 7.00 -2.51
N GLN A 98 4.27 7.09 -2.54
CA GLN A 98 5.19 7.53 -1.55
CA GLN A 98 5.28 7.56 -1.60
C GLN A 98 5.30 6.55 -0.39
C GLN A 98 5.35 6.63 -0.40
N SER A 99 6.52 6.15 -0.06
N SER A 99 6.54 6.19 -0.07
CA SER A 99 6.77 5.33 1.10
CA SER A 99 6.77 5.37 1.11
C SER A 99 8.09 5.85 1.69
C SER A 99 8.09 5.84 1.73
N ALA A 100 9.18 5.09 1.59
CA ALA A 100 10.51 5.61 1.93
C ALA A 100 10.91 6.70 0.93
N ASN A 101 10.59 6.45 -0.34
CA ASN A 101 10.92 7.36 -1.44
C ASN A 101 9.68 7.56 -2.30
N LYS A 102 9.80 8.43 -3.29
CA LYS A 102 8.74 8.66 -4.27
C LYS A 102 8.99 7.67 -5.41
N ASN A 103 8.07 6.74 -5.62
CA ASN A 103 8.11 5.83 -6.76
C ASN A 103 7.16 6.32 -7.83
N VAL A 104 7.59 6.25 -9.09
CA VAL A 104 6.77 6.67 -10.21
C VAL A 104 6.52 5.46 -11.12
N GLY A 105 5.28 5.00 -11.14
CA GLY A 105 4.86 3.90 -12.03
C GLY A 105 5.56 2.57 -11.79
N ALA A 106 5.48 1.72 -12.79
CA ALA A 106 6.05 0.37 -12.72
C ALA A 106 6.03 -0.26 -14.09
N ARG A 107 6.87 -1.27 -14.26
CA ARG A 107 6.85 -2.14 -15.44
C ARG A 107 6.80 -3.56 -14.91
N LEU A 108 5.81 -4.32 -15.36
CA LEU A 108 5.55 -5.67 -14.88
C LEU A 108 5.47 -6.67 -16.03
N TYR A 109 5.81 -7.93 -15.75
CA TYR A 109 5.72 -9.00 -16.74
C TYR A 109 4.76 -10.07 -16.27
N LEU A 110 3.97 -10.62 -17.19
CA LEU A 110 3.11 -11.76 -16.85
C LEU A 110 3.93 -13.06 -16.81
N MET A 111 3.77 -13.82 -15.72
CA MET A 111 4.52 -15.05 -15.51
C MET A 111 3.65 -16.28 -15.69
N ALA A 112 4.25 -17.35 -16.20
CA ALA A 112 3.64 -18.67 -16.25
C ALA A 112 3.83 -19.39 -14.92
N SER A 113 4.98 -19.14 -14.30
CA SER A 113 5.35 -19.73 -13.00
C SER A 113 6.22 -18.71 -12.30
N ASP A 114 6.60 -18.96 -11.05
CA ASP A 114 7.45 -18.02 -10.31
C ASP A 114 8.88 -17.90 -10.87
N THR A 115 9.27 -18.79 -11.78
CA THR A 115 10.58 -18.75 -12.43
C THR A 115 10.55 -18.58 -13.96
N ALA A 116 9.37 -18.38 -14.55
CA ALA A 116 9.25 -18.25 -16.01
C ALA A 116 8.21 -17.23 -16.45
N TYR A 117 8.59 -16.33 -17.35
CA TYR A 117 7.61 -15.48 -18.02
C TYR A 117 6.71 -16.31 -18.93
N GLU A 118 5.45 -15.92 -19.02
CA GLU A 118 4.53 -16.48 -20.00
C GLU A 118 4.96 -16.03 -21.40
N GLU A 119 4.90 -16.93 -22.37
CA GLU A 119 5.33 -16.62 -23.73
C GLU A 119 4.13 -16.79 -24.65
N PHE A 120 3.77 -15.71 -25.34
CA PHE A 120 2.63 -15.65 -26.24
C PHE A 120 3.14 -15.58 -27.68
N THR A 121 2.64 -16.47 -28.53
CA THR A 121 2.94 -16.45 -29.96
C THR A 121 1.73 -15.83 -30.65
N LEU A 122 1.89 -14.60 -31.16
CA LEU A 122 0.75 -13.78 -31.55
C LEU A 122 0.20 -14.05 -32.96
N LEU A 123 1.04 -14.48 -33.89
CA LEU A 123 0.58 -14.57 -35.29
C LEU A 123 -0.56 -15.59 -35.44
N ASN A 124 -1.61 -15.17 -36.17
CA ASN A 124 -2.87 -15.90 -36.37
C ASN A 124 -3.77 -15.96 -35.13
N ASN A 125 -3.39 -15.23 -34.07
CA ASN A 125 -4.11 -15.23 -32.83
C ASN A 125 -4.54 -13.81 -32.50
N GLU A 126 -5.33 -13.70 -31.44
CA GLU A 126 -5.80 -12.38 -30.98
C GLU A 126 -5.64 -12.24 -29.48
N PHE A 127 -5.46 -11.00 -29.05
CA PHE A 127 -5.28 -10.67 -27.66
C PHE A 127 -6.35 -9.64 -27.32
N SER A 128 -7.06 -9.89 -26.23
CA SER A 128 -8.15 -9.05 -25.75
C SER A 128 -7.84 -8.64 -24.32
N PHE A 129 -8.15 -7.40 -23.97
CA PHE A 129 -8.11 -7.00 -22.59
C PHE A 129 -9.10 -5.87 -22.40
N ASP A 130 -9.45 -5.66 -21.13
CA ASP A 130 -10.25 -4.54 -20.72
C ASP A 130 -9.36 -3.53 -20.00
N VAL A 131 -9.65 -2.26 -20.19
CA VAL A 131 -8.86 -1.21 -19.55
C VAL A 131 -9.73 -0.05 -19.12
N ASP A 132 -9.37 0.54 -17.98
CA ASP A 132 -9.92 1.78 -17.49
C ASP A 132 -8.77 2.79 -17.51
N VAL A 133 -8.84 3.72 -18.45
CA VAL A 133 -7.87 4.82 -18.58
C VAL A 133 -8.43 6.14 -18.04
N SER A 134 -9.58 6.10 -17.37
CA SER A 134 -10.23 7.34 -16.92
C SER A 134 -9.38 8.22 -16.02
N ALA A 135 -8.50 7.60 -15.23
CA ALA A 135 -7.60 8.31 -14.34
C ALA A 135 -6.18 8.53 -14.91
N LEU A 136 -6.06 8.60 -16.24
CA LEU A 136 -4.80 8.86 -16.92
C LEU A 136 -4.93 10.18 -17.68
N PRO A 137 -4.41 11.27 -17.10
CA PRO A 137 -4.45 12.55 -17.79
C PRO A 137 -3.34 12.69 -18.84
N CYS A 138 -3.32 13.84 -19.49
CA CYS A 138 -2.22 14.24 -20.37
C CYS A 138 -0.86 13.96 -19.73
N GLY A 139 0.05 13.39 -20.53
CA GLY A 139 1.42 13.13 -20.11
C GLY A 139 1.70 11.74 -19.53
N LEU A 140 0.66 10.93 -19.33
CA LEU A 140 0.84 9.57 -18.79
C LEU A 140 0.61 8.54 -19.89
N ASN A 141 1.23 7.38 -19.73
CA ASN A 141 1.11 6.29 -20.68
C ASN A 141 0.93 4.98 -19.88
N GLY A 142 -0.28 4.43 -19.92
CA GLY A 142 -0.55 3.08 -19.45
C GLY A 142 -0.37 2.18 -20.66
N ALA A 143 0.65 1.32 -20.59
CA ALA A 143 1.07 0.56 -21.75
C ALA A 143 0.88 -0.93 -21.53
N LEU A 144 0.37 -1.61 -22.56
CA LEU A 144 0.28 -3.07 -22.56
C LEU A 144 0.92 -3.49 -23.87
N TYR A 145 1.97 -4.31 -23.79
CA TYR A 145 2.74 -4.62 -24.98
C TYR A 145 3.55 -5.88 -24.86
N PHE A 146 4.12 -6.29 -25.98
CA PHE A 146 4.90 -7.49 -26.07
C PHE A 146 6.33 -7.22 -26.50
N VAL A 147 7.26 -7.94 -25.91
CA VAL A 147 8.67 -7.91 -26.30
C VAL A 147 9.25 -9.32 -26.39
N SER A 148 10.23 -9.50 -27.26
CA SER A 148 10.88 -10.81 -27.45
C SER A 148 11.97 -11.07 -26.38
N MET A 149 11.54 -11.15 -25.13
CA MET A 149 12.38 -11.48 -24.00
C MET A 149 12.52 -12.99 -23.86
N ASP A 150 13.65 -13.43 -23.31
CA ASP A 150 13.83 -14.82 -22.88
C ASP A 150 12.91 -15.14 -21.70
N ALA A 151 12.30 -16.32 -21.71
CA ALA A 151 11.35 -16.74 -20.66
C ALA A 151 11.94 -16.80 -19.25
N ASP A 152 13.23 -17.08 -19.16
CA ASP A 152 13.94 -17.14 -17.87
C ASP A 152 14.74 -15.88 -17.58
N GLY A 153 14.46 -14.78 -18.29
CA GLY A 153 15.19 -13.55 -18.09
C GLY A 153 16.66 -13.57 -18.49
N GLY A 154 17.09 -14.62 -19.21
CA GLY A 154 18.49 -14.79 -19.62
C GLY A 154 19.32 -15.73 -18.76
N ALA A 155 18.73 -16.27 -17.70
CA ALA A 155 19.47 -17.08 -16.71
C ALA A 155 20.24 -18.26 -17.30
N SER A 156 19.65 -18.96 -18.28
CA SER A 156 20.33 -20.12 -18.90
C SER A 156 21.48 -19.69 -19.79
N LYS A 157 21.40 -18.51 -20.38
CA LYS A 157 22.45 -17.99 -21.25
C LYS A 157 23.59 -17.33 -20.49
N TYR A 158 23.27 -16.69 -19.35
CA TYR A 158 24.22 -15.85 -18.62
C TYR A 158 24.26 -16.32 -17.17
N PRO A 159 25.22 -17.20 -16.84
CA PRO A 159 25.27 -17.79 -15.48
C PRO A 159 25.42 -16.81 -14.31
N THR A 160 25.91 -15.59 -14.57
CA THR A 160 25.99 -14.56 -13.54
C THR A 160 24.65 -13.87 -13.27
N ASN A 161 23.61 -14.20 -14.05
CA ASN A 161 22.23 -13.84 -13.69
C ASN A 161 21.63 -14.97 -12.89
N LEU A 162 21.71 -14.84 -11.57
CA LEU A 162 21.13 -15.81 -10.64
C LEU A 162 19.71 -15.43 -10.21
N ALA A 163 19.24 -14.26 -10.62
CA ALA A 163 17.93 -13.76 -10.24
C ALA A 163 16.83 -14.23 -11.19
N GLY A 164 17.09 -14.16 -12.49
CA GLY A 164 16.17 -14.67 -13.50
C GLY A 164 14.83 -13.96 -13.58
N ALA A 165 13.84 -14.67 -14.11
CA ALA A 165 12.49 -14.13 -14.25
C ALA A 165 11.80 -13.79 -12.92
N LYS A 166 12.15 -14.52 -11.86
N LYS A 166 12.16 -14.53 -11.87
CA LYS A 166 11.59 -14.29 -10.52
CA LYS A 166 11.60 -14.30 -10.52
C LYS A 166 11.80 -12.86 -10.03
C LYS A 166 11.81 -12.86 -10.02
N TYR A 167 12.87 -12.21 -10.48
CA TYR A 167 13.20 -10.83 -10.13
C TYR A 167 13.14 -9.88 -11.31
N GLY A 168 12.48 -10.28 -12.39
CA GLY A 168 12.16 -9.34 -13.46
C GLY A 168 13.37 -8.88 -14.27
N THR A 169 14.34 -9.78 -14.47
CA THR A 169 15.51 -9.48 -15.29
C THR A 169 15.24 -9.76 -16.77
N GLY A 170 16.09 -9.21 -17.63
CA GLY A 170 16.10 -9.59 -19.04
C GLY A 170 15.30 -8.70 -19.98
N TYR A 171 14.82 -7.57 -19.50
CA TYR A 171 14.08 -6.65 -20.34
C TYR A 171 14.88 -6.21 -21.57
N CYS A 172 14.13 -6.05 -22.65
CA CYS A 172 14.62 -5.49 -23.90
C CYS A 172 13.41 -4.93 -24.60
N ASP A 173 13.64 -3.97 -25.48
CA ASP A 173 12.58 -3.47 -26.36
C ASP A 173 13.22 -2.78 -27.57
N SER A 174 12.40 -2.23 -28.45
CA SER A 174 12.88 -1.68 -29.71
C SER A 174 13.61 -0.34 -29.60
N GLN A 175 13.63 0.25 -28.42
CA GLN A 175 14.48 1.42 -28.18
C GLN A 175 15.92 1.04 -27.91
N CYS A 176 16.20 -0.25 -27.67
CA CYS A 176 17.51 -0.69 -27.19
C CYS A 176 17.88 0.10 -25.94
N PRO A 177 17.01 0.05 -24.92
CA PRO A 177 17.18 0.94 -23.76
C PRO A 177 18.50 0.78 -23.04
N ARG A 178 19.13 1.91 -22.75
CA ARG A 178 20.41 1.96 -22.06
C ARG A 178 20.28 2.36 -20.59
N ASP A 179 19.05 2.58 -20.12
CA ASP A 179 18.78 2.96 -18.73
C ASP A 179 18.75 1.77 -17.77
N LEU A 180 18.83 0.57 -18.33
CA LEU A 180 18.81 -0.66 -17.54
C LEU A 180 20.10 -0.82 -16.74
N LYS A 181 19.94 -1.21 -15.48
CA LYS A 181 21.08 -1.38 -14.58
C LYS A 181 21.72 -2.74 -14.72
N PHE A 182 20.94 -3.75 -15.10
CA PHE A 182 21.48 -5.08 -15.40
C PHE A 182 21.02 -5.57 -16.76
N ILE A 183 21.99 -5.99 -17.57
CA ILE A 183 21.75 -6.56 -18.90
C ILE A 183 22.58 -7.84 -19.07
N SER A 184 21.92 -8.96 -19.38
CA SER A 184 22.58 -10.24 -19.69
C SER A 184 23.59 -10.68 -18.60
N GLY A 185 23.19 -10.55 -17.34
CA GLY A 185 24.00 -11.03 -16.22
C GLY A 185 25.17 -10.14 -15.85
N GLN A 186 25.19 -8.91 -16.35
CA GLN A 186 26.20 -7.93 -16.02
C GLN A 186 25.54 -6.62 -15.68
N ALA A 187 26.18 -5.85 -14.80
CA ALA A 187 25.72 -4.50 -14.52
C ALA A 187 26.07 -3.59 -15.68
N ASN A 188 25.49 -2.40 -15.68
CA ASN A 188 25.69 -1.43 -16.74
C ASN A 188 26.42 -0.21 -16.16
N VAL A 189 27.46 -0.47 -15.39
CA VAL A 189 28.19 0.57 -14.64
C VAL A 189 29.22 1.34 -15.50
N GLU A 190 29.87 0.65 -16.43
CA GLU A 190 30.96 1.23 -17.23
C GLU A 190 30.44 2.26 -18.24
N GLY A 191 30.81 3.51 -18.02
CA GLY A 191 30.32 4.63 -18.83
C GLY A 191 28.99 5.21 -18.39
N TRP A 192 28.50 4.79 -17.21
CA TRP A 192 27.20 5.26 -16.71
C TRP A 192 27.20 6.75 -16.51
N GLN A 193 26.15 7.42 -16.98
CA GLN A 193 25.96 8.84 -16.80
C GLN A 193 24.60 9.08 -16.15
N PRO A 194 24.56 9.78 -15.00
CA PRO A 194 23.27 10.09 -14.39
C PRO A 194 22.44 11.03 -15.24
N SER A 195 21.12 10.87 -15.19
CA SER A 195 20.21 11.76 -15.90
C SER A 195 20.27 13.15 -15.28
N SER A 196 20.27 14.19 -16.11
CA SER A 196 20.28 15.56 -15.61
C SER A 196 18.91 15.98 -15.05
N ASN A 197 17.83 15.33 -15.47
CA ASN A 197 16.47 15.73 -15.05
C ASN A 197 15.72 14.67 -14.23
N ASN A 198 16.46 13.68 -13.70
CA ASN A 198 15.86 12.59 -12.94
C ASN A 198 16.86 12.04 -11.93
N ALA A 199 16.52 12.18 -10.65
CA ALA A 199 17.40 11.77 -9.55
C ALA A 199 17.63 10.27 -9.43
N ASN A 200 16.80 9.47 -10.08
CA ASN A 200 16.81 8.01 -9.91
C ASN A 200 17.34 7.23 -11.11
N THR A 201 17.57 7.90 -12.24
CA THR A 201 17.88 7.21 -13.49
C THR A 201 19.17 7.69 -14.13
N GLY A 202 19.66 6.90 -15.09
CA GLY A 202 20.85 7.25 -15.86
C GLY A 202 20.89 6.47 -17.15
N ILE A 203 22.01 6.57 -17.85
CA ILE A 203 22.21 5.95 -19.16
C ILE A 203 23.57 5.29 -19.17
N GLY A 204 23.61 3.99 -19.43
CA GLY A 204 24.85 3.22 -19.42
C GLY A 204 25.45 3.01 -20.78
N GLY A 205 26.61 2.37 -20.79
CA GLY A 205 27.32 2.08 -22.04
C GLY A 205 26.68 1.02 -22.93
N HIS A 206 25.82 0.18 -22.36
CA HIS A 206 25.10 -0.83 -23.12
C HIS A 206 23.61 -0.62 -23.08
N GLY A 207 22.95 -1.15 -24.12
CA GLY A 207 21.49 -1.22 -24.19
C GLY A 207 21.04 -2.62 -24.50
N SER A 208 19.73 -2.83 -24.44
CA SER A 208 19.13 -4.16 -24.59
C SER A 208 18.02 -4.13 -25.63
N CYS A 209 18.31 -4.65 -26.82
CA CYS A 209 17.42 -4.59 -28.00
C CYS A 209 16.59 -5.84 -28.18
N CYS A 210 15.31 -5.70 -28.49
CA CYS A 210 14.56 -6.83 -29.08
C CYS A 210 13.27 -6.34 -29.68
N SER A 211 12.65 -7.21 -30.48
CA SER A 211 11.42 -6.91 -31.18
C SER A 211 10.29 -6.53 -30.21
N GLU A 212 9.40 -5.67 -30.67
CA GLU A 212 8.38 -5.13 -29.80
C GLU A 212 7.07 -4.90 -30.56
N MET A 213 5.97 -5.32 -29.95
N MET A 213 5.97 -5.37 -29.98
CA MET A 213 4.64 -5.12 -30.48
CA MET A 213 4.62 -5.09 -30.50
C MET A 213 3.84 -4.34 -29.44
C MET A 213 3.86 -4.33 -29.43
N ASP A 214 3.65 -3.04 -29.68
CA ASP A 214 2.95 -2.15 -28.76
C ASP A 214 1.46 -2.20 -29.05
N ILE A 215 0.78 -3.10 -28.35
CA ILE A 215 -0.66 -3.25 -28.54
C ILE A 215 -1.38 -1.97 -28.10
N TRP A 216 -0.96 -1.44 -26.96
CA TRP A 216 -1.71 -0.38 -26.29
C TRP A 216 -0.77 0.59 -25.60
N GLU A 217 -0.77 1.84 -26.05
CA GLU A 217 -0.14 2.92 -25.33
C GLU A 217 -1.17 4.01 -25.29
N ALA A 218 -1.58 4.43 -24.09
CA ALA A 218 -2.74 5.29 -24.00
C ALA A 218 -2.90 6.00 -22.67
N ASN A 219 -3.67 7.07 -22.75
CA ASN A 219 -4.26 7.72 -21.60
C ASN A 219 -5.71 8.04 -21.97
N SER A 220 -6.37 8.90 -21.18
CA SER A 220 -7.77 9.22 -21.43
C SER A 220 -7.95 10.07 -22.68
N ILE A 221 -6.87 10.63 -23.23
CA ILE A 221 -6.95 11.51 -24.40
C ILE A 221 -6.60 10.84 -25.73
N SER A 222 -5.50 10.08 -25.76
CA SER A 222 -5.04 9.45 -27.00
C SER A 222 -4.55 8.02 -26.79
N GLN A 223 -4.51 7.26 -27.88
CA GLN A 223 -4.02 5.88 -27.87
C GLN A 223 -3.35 5.53 -29.19
N ALA A 224 -2.40 4.59 -29.14
CA ALA A 224 -1.68 4.12 -30.32
C ALA A 224 -1.35 2.65 -30.26
N LEU A 225 -1.28 2.06 -31.45
CA LEU A 225 -1.00 0.65 -31.71
C LEU A 225 0.18 0.62 -32.67
N THR A 226 1.29 -0.01 -32.28
CA THR A 226 2.56 0.17 -33.00
C THR A 226 3.49 -1.07 -33.00
N PRO A 227 3.61 -1.76 -34.14
CA PRO A 227 4.71 -2.73 -34.31
C PRO A 227 6.07 -2.06 -34.50
N HIS A 228 7.12 -2.61 -33.86
CA HIS A 228 8.51 -2.18 -34.02
C HIS A 228 9.41 -3.40 -34.30
N PRO A 229 9.88 -3.57 -35.54
CA PRO A 229 10.79 -4.70 -35.82
C PRO A 229 12.25 -4.42 -35.43
N CYS A 230 13.00 -5.50 -35.24
CA CYS A 230 14.44 -5.45 -35.08
C CYS A 230 15.10 -6.45 -36.04
N GLU A 231 16.36 -6.17 -36.38
CA GLU A 231 17.10 -7.04 -37.32
C GLU A 231 17.37 -8.43 -36.76
N THR A 232 17.54 -8.52 -35.44
CA THR A 232 17.52 -9.78 -34.72
C THR A 232 16.21 -9.82 -33.94
N VAL A 233 15.52 -10.96 -34.02
CA VAL A 233 14.22 -11.09 -33.37
C VAL A 233 14.33 -10.87 -31.85
N GLY A 234 15.20 -11.67 -31.21
CA GLY A 234 15.32 -11.69 -29.76
C GLY A 234 16.38 -10.74 -29.22
N GLN A 235 16.73 -10.94 -27.94
CA GLN A 235 17.59 -9.99 -27.25
C GLN A 235 19.00 -9.96 -27.81
N VAL A 236 19.49 -8.74 -28.04
CA VAL A 236 20.91 -8.48 -28.30
C VAL A 236 21.32 -7.26 -27.50
N THR A 237 22.56 -7.28 -27.02
CA THR A 237 23.16 -6.17 -26.32
C THR A 237 23.86 -5.28 -27.35
N CYS A 238 23.61 -3.98 -27.24
CA CYS A 238 24.22 -2.98 -28.10
C CYS A 238 25.11 -2.07 -27.28
N SER A 239 25.96 -1.32 -27.98
CA SER A 239 26.90 -0.39 -27.34
C SER A 239 26.68 1.06 -27.74
N GLY A 240 26.47 1.91 -26.74
CA GLY A 240 26.48 3.35 -26.92
C GLY A 240 25.52 3.86 -27.98
N ASP A 241 26.00 4.76 -28.83
CA ASP A 241 25.20 5.35 -29.90
C ASP A 241 24.73 4.36 -30.93
N ASP A 242 25.44 3.26 -31.11
CA ASP A 242 25.01 2.20 -32.02
C ASP A 242 23.74 1.48 -31.52
N CYS A 243 23.29 1.75 -30.29
CA CYS A 243 21.96 1.33 -29.83
C CYS A 243 20.82 2.02 -30.55
N GLY A 244 21.05 3.26 -31.02
CA GLY A 244 19.97 4.08 -31.53
C GLY A 244 19.02 4.47 -30.42
N GLY A 245 17.78 4.79 -30.78
CA GLY A 245 16.79 5.19 -29.80
C GLY A 245 17.00 6.63 -29.38
N THR A 246 16.19 7.08 -28.43
CA THR A 246 16.14 8.48 -28.03
C THR A 246 17.45 8.95 -27.39
N TYR A 247 18.04 8.12 -26.54
CA TYR A 247 19.27 8.48 -25.83
C TYR A 247 20.49 7.99 -26.60
N SER A 248 20.70 8.59 -27.77
N SER A 248 20.69 8.58 -27.77
CA SER A 248 21.82 8.27 -28.62
CA SER A 248 21.78 8.27 -28.67
C SER A 248 21.93 9.41 -29.62
C SER A 248 21.95 9.45 -29.58
N ASN A 249 23.15 9.62 -30.12
CA ASN A 249 23.43 10.69 -31.07
C ASN A 249 22.85 10.42 -32.47
N ASN A 250 22.56 9.15 -32.80
CA ASN A 250 21.84 8.80 -34.02
C ASN A 250 20.74 7.77 -33.73
N ARG A 251 19.54 8.30 -33.57
CA ARG A 251 18.31 7.56 -33.34
C ARG A 251 18.17 6.28 -34.19
N TYR A 252 18.57 6.38 -35.46
CA TYR A 252 18.39 5.33 -36.48
C TYR A 252 19.66 4.54 -36.80
N GLY A 253 20.71 4.76 -36.00
CA GLY A 253 21.98 4.09 -36.18
C GLY A 253 22.10 2.70 -35.56
N GLY A 254 21.01 2.19 -34.97
CA GLY A 254 21.00 0.86 -34.38
C GLY A 254 20.34 -0.19 -35.24
N THR A 255 20.00 -1.31 -34.60
CA THR A 255 19.45 -2.50 -35.24
C THR A 255 17.94 -2.70 -35.04
N CYS A 256 17.30 -1.81 -34.27
CA CYS A 256 15.85 -1.83 -34.09
C CYS A 256 15.24 -0.58 -34.68
N ASP A 257 13.93 -0.65 -34.89
CA ASP A 257 13.14 0.49 -35.32
C ASP A 257 12.53 1.17 -34.10
N PRO A 258 13.08 2.32 -33.66
CA PRO A 258 12.52 2.99 -32.48
C PRO A 258 11.21 3.75 -32.73
N ASP A 259 10.85 3.99 -33.99
CA ASP A 259 9.66 4.77 -34.34
C ASP A 259 8.43 3.89 -34.44
N GLY A 260 8.52 2.84 -35.25
CA GLY A 260 7.41 1.92 -35.45
C GLY A 260 6.44 2.40 -36.51
N CYS A 261 5.60 1.47 -36.98
CA CYS A 261 4.49 1.79 -37.85
C CYS A 261 3.27 1.97 -36.95
N ASP A 262 3.02 3.21 -36.54
CA ASP A 262 2.03 3.50 -35.51
C ASP A 262 0.66 3.82 -36.09
N TRP A 263 -0.39 3.40 -35.38
CA TRP A 263 -1.77 3.74 -35.69
C TRP A 263 -2.41 4.40 -34.47
N ASN A 264 -2.57 5.72 -34.55
CA ASN A 264 -3.28 6.53 -33.58
C ASN A 264 -4.42 7.17 -34.38
N PRO A 265 -5.68 6.82 -34.06
CA PRO A 265 -6.83 7.30 -34.86
C PRO A 265 -6.87 8.82 -35.03
N TYR A 266 -6.46 9.55 -34.00
CA TYR A 266 -6.43 11.02 -34.03
C TYR A 266 -5.37 11.52 -34.99
N ARG A 267 -4.18 10.93 -34.91
CA ARG A 267 -3.11 11.26 -35.84
C ARG A 267 -3.53 10.97 -37.30
N LEU A 268 -4.38 9.97 -37.48
CA LEU A 268 -4.91 9.59 -38.78
C LEU A 268 -6.27 10.22 -39.07
N GLY A 269 -6.51 11.41 -38.52
CA GLY A 269 -7.60 12.28 -38.95
C GLY A 269 -8.97 12.02 -38.36
N ASN A 270 -9.10 11.12 -37.39
CA ASN A 270 -10.38 10.93 -36.72
C ASN A 270 -10.31 11.51 -35.30
N HIS A 271 -10.88 12.70 -35.14
CA HIS A 271 -10.75 13.43 -33.89
C HIS A 271 -11.92 13.20 -32.91
N THR A 272 -12.89 12.39 -33.31
CA THR A 272 -14.06 12.11 -32.45
C THR A 272 -14.20 10.63 -32.04
N PHE A 273 -13.22 9.80 -32.35
CA PHE A 273 -13.34 8.38 -32.06
C PHE A 273 -13.09 8.04 -30.60
N TYR A 274 -12.06 8.65 -30.00
CA TYR A 274 -11.55 8.23 -28.70
C TYR A 274 -11.28 9.44 -27.81
N GLY A 275 -11.94 9.49 -26.67
CA GLY A 275 -11.79 10.61 -25.74
C GLY A 275 -12.79 10.58 -24.61
N PRO A 276 -12.69 11.55 -23.69
CA PRO A 276 -13.56 11.50 -22.51
C PRO A 276 -14.99 11.97 -22.80
N GLY A 277 -15.95 11.14 -22.42
CA GLY A 277 -17.36 11.49 -22.43
C GLY A 277 -18.10 11.15 -23.70
N SER A 278 -19.35 11.58 -23.74
CA SER A 278 -20.29 11.18 -24.80
C SER A 278 -20.10 11.82 -26.18
N GLY A 279 -19.15 12.74 -26.30
CA GLY A 279 -18.75 13.28 -27.59
C GLY A 279 -17.90 12.36 -28.44
N PHE A 280 -17.47 11.23 -27.87
CA PHE A 280 -16.58 10.31 -28.55
C PHE A 280 -17.23 8.95 -28.72
N THR A 281 -16.83 8.23 -29.78
CA THR A 281 -17.32 6.88 -30.03
C THR A 281 -16.99 5.94 -28.88
N VAL A 282 -15.72 5.97 -28.47
CA VAL A 282 -15.22 5.22 -27.33
C VAL A 282 -14.93 6.24 -26.24
N ASP A 283 -15.71 6.14 -25.16
CA ASP A 283 -15.72 7.08 -24.03
C ASP A 283 -14.70 6.64 -22.99
N THR A 284 -13.63 7.42 -22.85
CA THR A 284 -12.52 7.02 -21.97
C THR A 284 -12.77 7.21 -20.47
N THR A 285 -13.93 7.74 -20.09
CA THR A 285 -14.32 7.72 -18.67
C THR A 285 -14.89 6.38 -18.24
N LYS A 286 -15.09 5.46 -19.19
CA LYS A 286 -15.63 4.14 -18.90
C LYS A 286 -14.71 3.04 -19.41
N LYS A 287 -14.90 1.84 -18.88
N LYS A 287 -14.91 1.84 -18.88
CA LYS A 287 -14.06 0.69 -19.25
CA LYS A 287 -14.11 0.66 -19.25
C LYS A 287 -14.21 0.38 -20.73
C LYS A 287 -14.21 0.39 -20.75
N ILE A 288 -13.10 -0.02 -21.35
CA ILE A 288 -13.03 -0.32 -22.79
C ILE A 288 -12.43 -1.71 -22.95
N THR A 289 -13.03 -2.53 -23.81
CA THR A 289 -12.44 -3.78 -24.25
C THR A 289 -11.73 -3.50 -25.57
N VAL A 290 -10.46 -3.91 -25.66
CA VAL A 290 -9.60 -3.67 -26.81
C VAL A 290 -9.16 -5.02 -27.35
N VAL A 291 -9.49 -5.33 -28.60
CA VAL A 291 -9.14 -6.60 -29.24
C VAL A 291 -8.23 -6.35 -30.43
N THR A 292 -7.14 -7.11 -30.49
CA THR A 292 -6.12 -6.94 -31.50
C THR A 292 -5.81 -8.29 -32.13
N GLN A 293 -5.88 -8.35 -33.47
CA GLN A 293 -5.83 -9.60 -34.23
C GLN A 293 -4.64 -9.54 -35.18
N PHE A 294 -3.83 -10.60 -35.18
CA PHE A 294 -2.56 -10.62 -35.92
C PHE A 294 -2.55 -11.64 -37.05
N SER A 295 -2.27 -11.19 -38.28
N SER A 295 -2.26 -11.19 -38.27
N SER A 295 -2.24 -11.18 -38.27
CA SER A 295 -2.10 -12.10 -39.42
CA SER A 295 -2.12 -12.07 -39.43
CA SER A 295 -2.14 -12.04 -39.45
C SER A 295 -0.86 -11.72 -40.20
C SER A 295 -0.87 -11.71 -40.20
C SER A 295 -0.89 -11.69 -40.24
N SER A 296 -0.48 -12.58 -41.14
CA SER A 296 0.70 -12.33 -42.00
C SER A 296 0.48 -11.09 -42.88
N THR A 297 -0.78 -10.79 -43.21
CA THR A 297 -1.14 -9.59 -43.98
C THR A 297 -1.30 -8.32 -43.14
N GLY A 298 -1.65 -8.44 -41.87
CA GLY A 298 -1.75 -7.23 -41.05
C GLY A 298 -2.30 -7.39 -39.66
N ILE A 299 -2.45 -6.25 -39.00
CA ILE A 299 -2.95 -6.20 -37.64
C ILE A 299 -4.28 -5.49 -37.68
N ASN A 300 -5.31 -6.15 -37.17
CA ASN A 300 -6.65 -5.59 -37.11
C ASN A 300 -7.07 -5.34 -35.67
N ARG A 301 -8.04 -4.45 -35.52
CA ARG A 301 -8.40 -3.91 -34.20
C ARG A 301 -9.88 -3.64 -34.12
N TYR A 302 -10.49 -4.07 -33.01
CA TYR A 302 -11.84 -3.57 -32.67
C TYR A 302 -11.95 -3.33 -31.18
N TYR A 303 -12.99 -2.58 -30.81
CA TYR A 303 -13.23 -2.21 -29.42
C TYR A 303 -14.63 -2.65 -29.06
N VAL A 304 -14.85 -2.94 -27.77
CA VAL A 304 -16.21 -3.15 -27.28
C VAL A 304 -16.40 -2.28 -26.05
N GLN A 305 -17.50 -1.52 -26.03
CA GLN A 305 -17.83 -0.72 -24.87
C GLN A 305 -19.33 -0.74 -24.69
N ASN A 306 -19.78 -0.97 -23.46
N ASN A 306 -19.76 -1.03 -23.46
CA ASN A 306 -21.21 -1.12 -23.17
CA ASN A 306 -21.17 -1.14 -23.13
C ASN A 306 -21.86 -2.17 -24.05
C ASN A 306 -21.85 -2.16 -24.03
N GLY A 307 -21.13 -3.25 -24.36
CA GLY A 307 -21.62 -4.29 -25.26
C GLY A 307 -21.69 -4.01 -26.75
N VAL A 308 -21.21 -2.84 -27.17
CA VAL A 308 -21.32 -2.43 -28.57
C VAL A 308 -19.93 -2.53 -29.20
N LYS A 309 -19.84 -3.25 -30.31
CA LYS A 309 -18.59 -3.41 -31.05
C LYS A 309 -18.38 -2.27 -32.06
N PHE A 310 -17.19 -1.65 -32.00
CA PHE A 310 -16.77 -0.63 -32.95
C PHE A 310 -15.43 -1.07 -33.52
N VAL A 311 -15.38 -1.30 -34.83
CA VAL A 311 -14.10 -1.58 -35.51
C VAL A 311 -13.26 -0.31 -35.53
N GLN A 312 -11.94 -0.50 -35.63
CA GLN A 312 -11.01 0.60 -35.87
C GLN A 312 -11.55 1.49 -37.01
N PRO A 313 -11.60 2.82 -36.80
CA PRO A 313 -12.01 3.67 -37.93
C PRO A 313 -11.01 3.67 -39.06
N ASN A 314 -11.48 3.94 -40.26
CA ASN A 314 -10.56 4.06 -41.39
C ASN A 314 -9.65 5.26 -41.20
N ALA A 315 -8.44 5.17 -41.72
CA ALA A 315 -7.58 6.33 -41.86
C ALA A 315 -8.34 7.38 -42.67
N SER A 316 -8.28 8.63 -42.23
CA SER A 316 -9.01 9.72 -42.87
C SER A 316 -8.01 10.72 -43.43
N GLY A 317 -8.10 10.96 -44.75
CA GLY A 317 -7.27 11.94 -45.42
C GLY A 317 -5.81 11.55 -45.56
N LEU A 318 -5.51 10.25 -45.50
CA LEU A 318 -4.13 9.78 -45.70
C LEU A 318 -3.97 9.42 -47.18
N SER A 319 -3.10 10.15 -47.87
CA SER A 319 -2.88 9.91 -49.31
C SER A 319 -2.50 8.46 -49.59
N GLY A 320 -3.27 7.84 -50.47
CA GLY A 320 -2.96 6.49 -50.92
C GLY A 320 -3.31 5.34 -49.98
N TYR A 321 -4.12 5.58 -48.95
CA TYR A 321 -4.54 4.50 -48.08
C TYR A 321 -5.92 4.77 -47.48
N THR A 322 -6.86 3.86 -47.69
CA THR A 322 -8.25 4.05 -47.20
C THR A 322 -8.79 3.06 -46.15
N GLY A 323 -8.00 2.07 -45.76
CA GLY A 323 -8.44 1.03 -44.80
C GLY A 323 -8.30 1.37 -43.32
N ASN A 324 -8.42 0.33 -42.51
CA ASN A 324 -8.35 0.43 -41.05
C ASN A 324 -7.40 -0.61 -40.46
N THR A 325 -6.46 -1.11 -41.28
CA THR A 325 -5.59 -2.24 -40.94
C THR A 325 -4.13 -1.80 -40.99
N ILE A 326 -3.32 -2.19 -40.00
CA ILE A 326 -1.88 -2.01 -40.10
C ILE A 326 -1.40 -3.12 -41.01
N ASN A 327 -1.17 -2.77 -42.26
CA ASN A 327 -0.59 -3.70 -43.23
C ASN A 327 0.54 -2.98 -43.95
N SER A 328 1.21 -3.67 -44.87
CA SER A 328 2.38 -3.07 -45.51
C SER A 328 2.01 -1.81 -46.28
N ALA A 329 0.84 -1.81 -46.91
CA ALA A 329 0.34 -0.64 -47.63
C ALA A 329 0.20 0.59 -46.71
N TYR A 330 -0.40 0.38 -45.54
CA TYR A 330 -0.55 1.48 -44.59
C TYR A 330 0.81 2.00 -44.16
N CYS A 331 1.71 1.10 -43.80
CA CYS A 331 2.99 1.52 -43.23
C CYS A 331 3.82 2.32 -44.25
N SER A 332 3.73 1.93 -45.51
CA SER A 332 4.35 2.67 -46.59
C SER A 332 3.69 4.02 -46.82
N ALA A 333 2.35 4.05 -46.86
CA ALA A 333 1.63 5.32 -47.01
C ALA A 333 1.92 6.29 -45.88
N GLU A 334 2.04 5.75 -44.67
CA GLU A 334 2.35 6.57 -43.51
C GLU A 334 3.73 7.22 -43.67
N GLN A 335 4.73 6.42 -44.04
CA GLN A 335 6.08 6.93 -44.26
C GLN A 335 6.10 7.99 -45.37
N THR A 336 5.39 7.71 -46.44
CA THR A 336 5.32 8.64 -47.57
C THR A 336 4.70 9.99 -47.15
N ALA A 337 3.62 9.97 -46.37
CA ALA A 337 2.91 11.18 -45.95
C ALA A 337 3.58 11.91 -44.81
N PHE A 338 4.00 11.16 -43.78
CA PHE A 338 4.54 11.76 -42.56
C PHE A 338 6.06 11.89 -42.54
N GLY A 339 6.76 11.08 -43.33
CA GLY A 339 8.21 11.07 -43.39
C GLY A 339 8.76 9.86 -42.67
N GLY A 340 10.00 9.53 -42.99
CA GLY A 340 10.72 8.49 -42.28
C GLY A 340 10.84 7.22 -43.08
N THR A 341 11.85 6.44 -42.76
CA THR A 341 12.08 5.13 -43.38
C THR A 341 12.45 4.04 -42.37
N SER A 342 12.38 4.34 -41.07
CA SER A 342 12.91 3.44 -40.04
C SER A 342 12.22 2.06 -40.06
N PHE A 343 10.89 2.07 -40.09
CA PHE A 343 10.13 0.83 -40.05
C PHE A 343 10.48 -0.11 -41.20
N THR A 344 10.52 0.41 -42.43
CA THR A 344 10.88 -0.45 -43.56
C THR A 344 12.38 -0.72 -43.66
N ASP A 345 13.22 0.22 -43.22
CA ASP A 345 14.67 -0.02 -43.14
C ASP A 345 15.01 -1.21 -42.27
N LYS A 346 14.23 -1.43 -41.21
CA LYS A 346 14.48 -2.51 -40.26
C LYS A 346 13.67 -3.77 -40.56
N GLY A 347 13.06 -3.84 -41.74
CA GLY A 347 12.43 -5.06 -42.25
C GLY A 347 10.91 -5.08 -42.25
N GLY A 348 10.29 -4.01 -41.74
CA GLY A 348 8.84 -3.85 -41.80
C GLY A 348 8.04 -4.99 -41.19
N LEU A 349 6.86 -5.23 -41.74
CA LEU A 349 5.97 -6.25 -41.20
C LEU A 349 6.50 -7.67 -41.36
N THR A 350 7.26 -7.94 -42.43
CA THR A 350 7.83 -9.26 -42.61
C THR A 350 8.73 -9.60 -41.43
N GLN A 351 9.56 -8.64 -41.03
CA GLN A 351 10.45 -8.82 -39.89
C GLN A 351 9.71 -8.84 -38.54
N MET A 352 8.72 -7.96 -38.39
CA MET A 352 7.85 -8.02 -37.20
C MET A 352 7.23 -9.40 -37.07
N ASN A 353 6.72 -9.93 -38.18
CA ASN A 353 6.04 -11.22 -38.16
C ASN A 353 6.92 -12.37 -37.69
N LYS A 354 8.24 -12.27 -37.87
CA LYS A 354 9.15 -13.28 -37.34
C LYS A 354 9.06 -13.32 -35.80
N ALA A 355 9.02 -12.15 -35.18
CA ALA A 355 8.85 -12.06 -33.72
C ALA A 355 7.47 -12.53 -33.27
N LEU A 356 6.46 -12.19 -34.06
CA LEU A 356 5.09 -12.64 -33.79
C LEU A 356 4.90 -14.15 -33.97
N SER A 357 5.84 -14.81 -34.65
CA SER A 357 5.86 -16.27 -34.83
C SER A 357 6.67 -17.02 -33.78
N GLY A 358 7.28 -16.27 -32.85
CA GLY A 358 7.93 -16.82 -31.68
C GLY A 358 7.28 -16.30 -30.42
N GLY A 359 7.77 -16.77 -29.28
CA GLY A 359 7.24 -16.33 -28.00
C GLY A 359 7.61 -14.88 -27.70
N MET A 360 6.64 -14.12 -27.17
CA MET A 360 6.89 -12.78 -26.64
C MET A 360 6.26 -12.68 -25.25
N VAL A 361 6.84 -11.79 -24.43
CA VAL A 361 6.47 -11.61 -23.04
C VAL A 361 5.55 -10.41 -22.96
N LEU A 362 4.48 -10.58 -22.19
CA LEU A 362 3.50 -9.52 -21.96
C LEU A 362 4.01 -8.56 -20.89
N VAL A 363 4.05 -7.28 -21.24
CA VAL A 363 4.51 -6.20 -20.38
C VAL A 363 3.32 -5.29 -20.09
N LEU A 364 3.17 -4.92 -18.82
CA LEU A 364 2.16 -3.97 -18.38
C LEU A 364 2.88 -2.87 -17.62
N SER A 365 2.67 -1.63 -18.03
CA SER A 365 3.39 -0.53 -17.41
C SER A 365 2.60 0.75 -17.31
N LEU A 366 3.12 1.65 -16.48
CA LEU A 366 2.63 3.01 -16.38
C LEU A 366 3.86 3.90 -16.24
N TRP A 367 3.97 4.91 -17.10
CA TRP A 367 5.13 5.79 -17.08
C TRP A 367 4.80 7.20 -17.55
N ASP A 368 5.67 8.13 -17.13
CA ASP A 368 5.74 9.48 -17.70
C ASP A 368 7.10 9.65 -18.38
N ASP A 369 7.18 10.67 -19.23
CA ASP A 369 8.17 10.74 -20.31
C ASP A 369 9.17 11.87 -20.09
N TYR A 370 10.34 11.48 -19.59
CA TYR A 370 11.42 12.40 -19.26
C TYR A 370 12.21 12.86 -20.50
N ALA A 371 11.86 12.36 -21.69
CA ALA A 371 12.43 12.83 -22.95
C ALA A 371 11.54 13.82 -23.70
N ALA A 372 10.25 13.50 -23.85
CA ALA A 372 9.36 14.26 -24.74
C ALA A 372 7.95 14.54 -24.18
N ASN A 373 7.76 14.39 -22.87
CA ASN A 373 6.53 14.75 -22.17
C ASN A 373 5.25 14.09 -22.73
N MET A 374 5.41 12.96 -23.40
CA MET A 374 4.32 12.20 -24.01
C MET A 374 3.59 12.97 -25.11
N LEU A 375 4.21 14.04 -25.62
CA LEU A 375 3.56 14.89 -26.62
C LEU A 375 3.37 14.15 -27.93
N TRP A 376 4.28 13.23 -28.22
CA TRP A 376 4.18 12.33 -29.39
C TRP A 376 2.90 11.48 -29.40
N LEU A 377 2.36 11.21 -28.20
CA LEU A 377 1.13 10.43 -28.07
C LEU A 377 -0.12 11.27 -28.09
N ASP A 378 -0.12 12.39 -27.35
CA ASP A 378 -1.37 13.08 -27.01
C ASP A 378 -1.46 14.57 -27.33
N SER A 379 -0.46 15.11 -28.03
CA SER A 379 -0.40 16.56 -28.33
C SER A 379 0.05 16.74 -29.78
N THR A 380 0.62 17.91 -30.09
CA THR A 380 1.22 18.18 -31.38
C THR A 380 2.73 18.00 -31.22
N TYR A 381 3.36 17.29 -32.16
CA TYR A 381 4.76 16.91 -31.99
C TYR A 381 5.42 16.72 -33.35
N PRO A 382 6.65 17.23 -33.55
CA PRO A 382 7.34 18.15 -32.62
C PRO A 382 6.61 19.48 -32.46
N THR A 383 6.85 20.19 -31.37
CA THR A 383 6.07 21.40 -31.04
C THR A 383 6.33 22.59 -31.97
N ASN A 384 7.49 22.62 -32.64
CA ASN A 384 7.76 23.62 -33.68
C ASN A 384 6.91 23.42 -34.96
N ASP A 385 6.31 22.24 -35.14
CA ASP A 385 5.23 22.06 -36.12
C ASP A 385 3.90 22.47 -35.52
N THR A 386 2.88 22.54 -36.37
CA THR A 386 1.52 22.80 -35.95
C THR A 386 0.64 21.78 -36.65
N ALA A 387 -0.66 21.85 -36.38
CA ALA A 387 -1.65 20.94 -36.97
C ALA A 387 -1.56 20.78 -38.49
N SER A 388 -1.12 21.82 -39.21
CA SER A 388 -0.99 21.78 -40.68
C SER A 388 0.10 20.85 -41.21
N THR A 389 1.10 20.53 -40.38
CA THR A 389 2.14 19.57 -40.73
C THR A 389 1.58 18.14 -40.68
N PRO A 390 1.73 17.35 -41.78
CA PRO A 390 1.13 16.01 -41.79
C PRO A 390 1.64 15.11 -40.66
N GLY A 391 0.71 14.56 -39.88
CA GLY A 391 1.02 13.68 -38.75
C GLY A 391 1.44 14.38 -37.46
N ALA A 392 1.54 15.71 -37.46
CA ALA A 392 1.97 16.45 -36.27
C ALA A 392 0.98 16.34 -35.12
N ALA A 393 -0.32 16.40 -35.42
CA ALA A 393 -1.36 16.42 -34.40
C ALA A 393 -1.71 14.99 -34.00
N ARG A 394 -1.46 14.65 -32.74
CA ARG A 394 -1.77 13.30 -32.19
C ARG A 394 -2.83 13.28 -31.10
N GLY A 395 -3.17 14.45 -30.55
CA GLY A 395 -4.19 14.55 -29.55
C GLY A 395 -4.41 15.99 -29.15
N THR A 396 -5.29 16.17 -28.18
CA THR A 396 -5.78 17.48 -27.78
C THR A 396 -5.04 18.06 -26.58
N CYS A 397 -4.03 17.37 -26.05
CA CYS A 397 -3.28 17.90 -24.92
C CYS A 397 -2.44 19.11 -25.35
N SER A 398 -2.28 20.06 -24.42
CA SER A 398 -1.45 21.23 -24.68
C SER A 398 -0.02 20.82 -24.96
N THR A 399 0.65 21.56 -25.84
CA THR A 399 2.08 21.34 -26.05
C THR A 399 2.97 21.61 -24.81
N SER A 400 2.43 22.31 -23.80
N SER A 400 2.43 22.30 -23.80
CA SER A 400 3.10 22.51 -22.52
CA SER A 400 3.11 22.50 -22.52
C SER A 400 2.82 21.42 -21.48
C SER A 400 2.79 21.44 -21.47
N SER A 401 1.99 20.43 -21.83
CA SER A 401 1.59 19.37 -20.91
C SER A 401 2.66 18.30 -20.75
N GLY A 402 2.48 17.48 -19.72
CA GLY A 402 3.24 16.25 -19.54
C GLY A 402 4.64 16.36 -18.98
N VAL A 403 5.03 17.53 -18.47
CA VAL A 403 6.32 17.64 -17.82
C VAL A 403 6.30 16.73 -16.59
N PRO A 404 7.23 15.74 -16.51
CA PRO A 404 7.12 14.76 -15.41
C PRO A 404 6.97 15.35 -14.00
N ALA A 405 7.85 16.30 -13.64
CA ALA A 405 7.80 16.90 -12.31
C ALA A 405 6.43 17.52 -12.04
N THR A 406 5.84 18.10 -13.08
CA THR A 406 4.53 18.74 -12.96
C THR A 406 3.40 17.70 -12.79
N VAL A 407 3.33 16.72 -13.70
CA VAL A 407 2.27 15.72 -13.61
C VAL A 407 2.37 14.88 -12.34
N GLU A 408 3.59 14.62 -11.89
CA GLU A 408 3.80 13.87 -10.65
C GLU A 408 3.28 14.62 -9.42
N GLN A 409 3.46 15.94 -9.43
CA GLN A 409 2.99 16.81 -8.36
C GLN A 409 1.48 17.01 -8.43
N GLN A 410 0.97 17.26 -9.65
N GLN A 410 0.94 17.22 -9.63
CA GLN A 410 -0.44 17.61 -9.90
CA GLN A 410 -0.47 17.62 -9.76
C GLN A 410 -1.42 16.44 -9.81
C GLN A 410 -1.48 16.47 -9.91
N SER A 411 -1.04 15.32 -10.40
CA SER A 411 -1.94 14.15 -10.57
C SER A 411 -1.31 12.86 -10.04
N PRO A 412 -0.80 12.88 -8.79
CA PRO A 412 -0.14 11.66 -8.27
C PRO A 412 -1.05 10.44 -8.11
N ASN A 413 -2.35 10.63 -7.97
CA ASN A 413 -3.26 9.50 -7.77
C ASN A 413 -3.84 8.96 -9.08
N SER A 414 -3.29 9.41 -10.20
CA SER A 414 -3.52 8.78 -11.48
C SER A 414 -3.22 7.28 -11.39
N LYS A 415 -3.90 6.51 -12.22
CA LYS A 415 -3.68 5.07 -12.25
C LYS A 415 -4.24 4.49 -13.52
N VAL A 416 -3.79 3.28 -13.85
CA VAL A 416 -4.37 2.48 -14.92
C VAL A 416 -4.86 1.16 -14.33
N VAL A 417 -5.96 0.64 -14.85
CA VAL A 417 -6.50 -0.66 -14.41
C VAL A 417 -6.69 -1.55 -15.65
N PHE A 418 -5.91 -2.62 -15.71
CA PHE A 418 -6.01 -3.60 -16.79
C PHE A 418 -6.77 -4.80 -16.23
N SER A 419 -7.63 -5.41 -17.04
CA SER A 419 -8.37 -6.58 -16.57
C SER A 419 -8.82 -7.49 -17.69
N ASN A 420 -9.21 -8.71 -17.32
CA ASN A 420 -9.88 -9.64 -18.22
C ASN A 420 -9.09 -9.88 -19.51
N ILE A 421 -7.82 -10.21 -19.33
CA ILE A 421 -6.96 -10.60 -20.45
C ILE A 421 -7.47 -11.93 -21.02
N LYS A 422 -7.64 -11.98 -22.34
CA LYS A 422 -8.02 -13.20 -23.04
C LYS A 422 -7.15 -13.37 -24.29
N PHE A 423 -6.77 -14.61 -24.59
CA PHE A 423 -5.87 -14.88 -25.69
C PHE A 423 -6.22 -16.21 -26.35
N GLY A 424 -6.23 -16.21 -27.67
CA GLY A 424 -6.47 -17.43 -28.42
C GLY A 424 -6.48 -17.15 -29.89
N PRO A 425 -6.88 -18.14 -30.71
CA PRO A 425 -6.97 -17.91 -32.14
C PRO A 425 -7.90 -16.77 -32.50
N ILE A 426 -7.67 -16.16 -33.64
CA ILE A 426 -8.56 -15.13 -34.14
C ILE A 426 -10.00 -15.64 -34.12
N GLY A 427 -10.89 -14.83 -33.54
CA GLY A 427 -12.29 -15.14 -33.38
C GLY A 427 -12.70 -15.87 -32.11
N SER A 428 -11.74 -16.29 -31.29
CA SER A 428 -12.02 -17.18 -30.17
C SER A 428 -12.33 -16.47 -28.85
N THR A 429 -11.94 -15.20 -28.68
CA THR A 429 -12.05 -14.56 -27.36
C THR A 429 -13.37 -13.82 -27.11
N GLY A 430 -14.17 -13.62 -28.15
CA GLY A 430 -15.33 -12.72 -28.08
C GLY A 430 -16.67 -13.40 -27.84
N GLN B 2 -17.52 -16.36 35.03
CA GLN B 2 -16.84 -17.34 35.87
C GLN B 2 -15.45 -17.62 35.30
N VAL B 3 -14.68 -18.46 35.99
CA VAL B 3 -13.35 -18.86 35.56
C VAL B 3 -13.29 -20.38 35.37
N CYS B 4 -12.81 -20.81 34.21
CA CYS B 4 -12.45 -22.22 33.95
C CYS B 4 -10.95 -22.39 33.72
N THR B 5 -10.47 -23.63 33.85
CA THR B 5 -9.03 -23.90 33.89
C THR B 5 -8.58 -25.06 33.01
N THR B 6 -9.36 -25.40 31.98
CA THR B 6 -8.90 -26.34 30.95
C THR B 6 -7.64 -25.81 30.26
N GLN B 7 -7.58 -24.49 30.07
CA GLN B 7 -6.38 -23.82 29.57
C GLN B 7 -5.86 -22.96 30.72
N ALA B 8 -4.61 -23.18 31.12
CA ALA B 8 -4.01 -22.44 32.22
C ALA B 8 -3.82 -20.99 31.82
N GLU B 9 -3.90 -20.11 32.81
CA GLU B 9 -3.62 -18.68 32.65
C GLU B 9 -2.34 -18.31 33.40
N THR B 10 -1.30 -18.03 32.63
CA THR B 10 -0.02 -17.59 33.14
C THR B 10 0.33 -16.30 32.41
N HIS B 11 0.44 -15.22 33.17
CA HIS B 11 0.69 -13.91 32.60
C HIS B 11 2.16 -13.76 32.23
N PRO B 12 2.46 -13.46 30.95
CA PRO B 12 3.85 -13.22 30.58
C PRO B 12 4.50 -12.09 31.37
N ALA B 13 5.73 -12.31 31.80
CA ALA B 13 6.48 -11.31 32.55
C ALA B 13 6.88 -10.14 31.67
N LEU B 14 6.88 -8.94 32.23
CA LEU B 14 7.40 -7.76 31.53
C LEU B 14 8.00 -6.79 32.52
N SER B 15 9.31 -6.57 32.39
CA SER B 15 10.04 -5.60 33.19
C SER B 15 9.82 -4.20 32.67
N TRP B 16 9.75 -3.24 33.59
CA TRP B 16 9.72 -1.82 33.21
C TRP B 16 10.43 -1.03 34.30
N SER B 17 10.64 0.26 34.06
N SER B 17 10.61 0.27 34.07
CA SER B 17 11.41 1.11 34.98
CA SER B 17 11.39 1.11 34.96
C SER B 17 10.55 2.20 35.61
C SER B 17 10.55 2.21 35.60
N LYS B 18 10.63 2.32 36.93
CA LYS B 18 10.01 3.42 37.66
C LYS B 18 11.12 4.38 38.03
N CYS B 19 10.99 5.63 37.60
CA CYS B 19 12.00 6.63 37.84
C CYS B 19 11.47 7.66 38.83
N THR B 20 12.40 8.22 39.59
CA THR B 20 12.06 9.18 40.63
C THR B 20 12.74 10.49 40.35
N SER B 21 12.24 11.53 41.02
CA SER B 21 12.80 12.86 40.94
C SER B 21 14.31 12.77 41.26
N GLY B 22 15.13 13.29 40.34
CA GLY B 22 16.58 13.10 40.37
C GLY B 22 17.16 12.13 39.36
N GLY B 23 16.31 11.30 38.75
CA GLY B 23 16.73 10.43 37.64
C GLY B 23 17.14 9.00 37.97
N SER B 24 17.09 8.61 39.25
N SER B 24 17.08 8.60 39.24
CA SER B 24 17.25 7.21 39.63
CA SER B 24 17.29 7.21 39.61
C SER B 24 16.04 6.43 39.15
C SER B 24 16.05 6.41 39.20
N CYS B 25 16.27 5.27 38.53
CA CYS B 25 15.19 4.38 38.09
C CYS B 25 15.43 2.98 38.63
N THR B 26 14.34 2.27 38.97
CA THR B 26 14.43 0.89 39.45
C THR B 26 13.51 -0.03 38.68
N THR B 27 13.94 -1.28 38.52
CA THR B 27 13.21 -2.24 37.70
C THR B 27 11.97 -2.76 38.43
N GLN B 28 10.85 -2.78 37.71
CA GLN B 28 9.57 -3.24 38.22
C GLN B 28 9.23 -4.56 37.55
N ALA B 29 8.82 -5.55 38.35
CA ALA B 29 8.51 -6.89 37.85
C ALA B 29 7.03 -6.96 37.45
N GLY B 30 6.71 -6.42 36.29
CA GLY B 30 5.34 -6.40 35.79
C GLY B 30 4.97 -7.68 35.06
N LYS B 31 3.71 -7.76 34.64
CA LYS B 31 3.20 -8.85 33.81
C LYS B 31 2.15 -8.28 32.88
N VAL B 32 1.85 -9.00 31.80
CA VAL B 32 0.76 -8.59 30.92
C VAL B 32 -0.34 -9.62 30.87
N VAL B 33 -1.56 -9.15 30.57
CA VAL B 33 -2.73 -10.02 30.52
C VAL B 33 -3.58 -9.70 29.31
N LEU B 34 -4.08 -10.74 28.67
CA LEU B 34 -4.91 -10.64 27.47
C LEU B 34 -6.34 -10.22 27.82
N ASP B 35 -6.87 -9.28 27.05
CA ASP B 35 -8.26 -8.84 27.20
C ASP B 35 -9.24 -10.02 27.04
N ALA B 36 -10.30 -10.01 27.86
CA ALA B 36 -11.29 -11.08 27.91
C ALA B 36 -11.98 -11.41 26.59
N ASN B 37 -12.14 -10.41 25.71
CA ASN B 37 -12.79 -10.63 24.41
C ASN B 37 -12.06 -11.62 23.50
N TRP B 38 -10.75 -11.78 23.68
CA TRP B 38 -9.98 -12.71 22.87
C TRP B 38 -10.14 -14.14 23.38
N ARG B 39 -10.65 -14.34 24.60
CA ARG B 39 -10.68 -15.64 25.25
C ARG B 39 -11.83 -16.52 24.78
N TRP B 40 -11.59 -17.84 24.90
CA TRP B 40 -12.64 -18.85 24.76
C TRP B 40 -13.60 -18.75 25.95
N THR B 41 -14.90 -18.73 25.67
CA THR B 41 -15.90 -18.73 26.73
C THR B 41 -16.84 -19.92 26.56
N HIS B 42 -16.94 -20.74 27.61
CA HIS B 42 -17.81 -21.92 27.60
C HIS B 42 -18.56 -22.09 28.90
N ALA B 43 -19.49 -23.05 28.91
CA ALA B 43 -20.29 -23.34 30.09
C ALA B 43 -19.42 -23.65 31.30
N TYR B 44 -19.81 -23.13 32.46
CA TYR B 44 -19.13 -23.36 33.73
C TYR B 44 -19.90 -24.42 34.54
N PRO B 45 -19.22 -25.41 35.14
CA PRO B 45 -17.77 -25.61 35.07
C PRO B 45 -17.23 -26.26 33.79
N SER B 46 -18.13 -26.77 32.95
N SER B 46 -18.13 -26.79 32.96
CA SER B 46 -17.75 -27.45 31.72
CA SER B 46 -17.76 -27.43 31.71
C SER B 46 -18.99 -27.52 30.85
C SER B 46 -18.99 -27.49 30.85
N GLY B 47 -18.79 -27.64 29.54
CA GLY B 47 -19.90 -27.76 28.59
C GLY B 47 -19.71 -27.01 27.28
N ASN B 48 -20.83 -26.65 26.67
CA ASN B 48 -20.84 -26.07 25.34
C ASN B 48 -20.32 -24.63 25.36
N ASN B 49 -19.87 -24.16 24.20
CA ASN B 49 -19.45 -22.77 24.03
C ASN B 49 -20.62 -21.81 24.29
N CYS B 50 -20.37 -20.75 25.05
CA CYS B 50 -21.38 -19.70 25.25
C CYS B 50 -21.41 -18.73 24.09
N TYR B 51 -20.26 -18.52 23.47
CA TYR B 51 -20.08 -17.70 22.26
C TYR B 51 -19.29 -18.53 21.27
N ASN B 52 -19.68 -18.47 20.01
CA ASN B 52 -19.06 -19.26 18.96
C ASN B 52 -19.25 -18.53 17.63
N GLY B 53 -18.16 -18.36 16.89
CA GLY B 53 -18.19 -17.53 15.69
C GLY B 53 -18.47 -16.10 16.10
N ASN B 54 -19.65 -15.60 15.73
CA ASN B 54 -20.10 -14.28 16.21
C ASN B 54 -21.51 -14.29 16.80
N THR B 55 -21.93 -15.43 17.36
CA THR B 55 -23.26 -15.58 17.97
C THR B 55 -23.20 -16.30 19.31
N TRP B 56 -24.16 -15.99 20.16
CA TRP B 56 -24.25 -16.56 21.49
C TRP B 56 -25.13 -17.79 21.49
N ASP B 57 -24.93 -18.64 22.51
CA ASP B 57 -25.78 -19.81 22.75
C ASP B 57 -27.02 -19.37 23.55
N ALA B 58 -28.19 -19.55 22.94
CA ALA B 58 -29.46 -19.10 23.55
C ALA B 58 -29.80 -19.78 24.88
N THR B 59 -29.50 -21.06 24.99
CA THR B 59 -29.80 -21.85 26.19
C THR B 59 -28.96 -21.39 27.39
N LEU B 60 -27.64 -21.31 27.19
CA LEU B 60 -26.72 -20.85 28.23
C LEU B 60 -26.88 -19.37 28.56
N CYS B 61 -27.24 -18.58 27.55
CA CYS B 61 -27.27 -17.13 27.65
C CYS B 61 -28.61 -16.52 27.19
N PRO B 62 -29.70 -16.80 27.94
CA PRO B 62 -31.01 -16.22 27.61
C PRO B 62 -31.12 -14.73 27.95
N ASP B 63 -30.29 -14.29 28.89
CA ASP B 63 -30.19 -12.88 29.25
C ASP B 63 -28.76 -12.62 29.72
N ASP B 64 -28.45 -11.34 29.87
CA ASP B 64 -27.08 -10.89 30.21
C ASP B 64 -26.59 -11.43 31.56
N ALA B 65 -27.46 -11.46 32.57
CA ALA B 65 -27.07 -11.88 33.92
C ALA B 65 -26.91 -13.40 34.02
N THR B 66 -27.85 -14.13 33.44
CA THR B 66 -27.80 -15.60 33.45
C THR B 66 -26.58 -16.10 32.71
N CYS B 67 -26.32 -15.49 31.54
CA CYS B 67 -25.13 -15.81 30.72
C CYS B 67 -23.84 -15.71 31.52
N ALA B 68 -23.65 -14.61 32.25
CA ALA B 68 -22.44 -14.42 33.06
C ALA B 68 -22.34 -15.43 34.22
N LYS B 69 -23.48 -15.86 34.75
CA LYS B 69 -23.49 -16.91 35.79
C LYS B 69 -23.17 -18.29 35.20
N ASN B 70 -23.63 -18.56 33.98
CA ASN B 70 -23.42 -19.87 33.34
C ASN B 70 -22.13 -20.02 32.57
N CYS B 71 -21.40 -18.93 32.33
CA CYS B 71 -20.28 -18.96 31.40
C CYS B 71 -19.00 -18.54 32.05
N CYS B 72 -17.91 -19.17 31.64
CA CYS B 72 -16.59 -18.86 32.16
C CYS B 72 -15.65 -18.43 31.05
N LEU B 73 -14.61 -17.70 31.45
CA LEU B 73 -13.48 -17.38 30.60
C LEU B 73 -12.37 -18.40 30.84
N GLU B 74 -11.66 -18.75 29.78
CA GLU B 74 -10.53 -19.67 29.83
C GLU B 74 -9.20 -18.93 29.79
N GLY B 75 -8.15 -19.65 30.16
CA GLY B 75 -6.79 -19.17 30.00
C GLY B 75 -6.40 -19.07 28.54
N ALA B 76 -5.23 -18.48 28.31
CA ALA B 76 -4.76 -18.14 26.98
C ALA B 76 -3.36 -18.67 26.75
N ASP B 77 -3.16 -19.29 25.60
CA ASP B 77 -1.84 -19.64 25.12
C ASP B 77 -1.29 -18.42 24.40
N TYR B 78 -0.56 -17.59 25.14
CA TYR B 78 -0.14 -16.27 24.66
C TYR B 78 0.64 -16.35 23.34
N SER B 79 1.66 -17.20 23.27
N SER B 79 1.66 -17.20 23.27
CA SER B 79 2.48 -17.31 22.05
CA SER B 79 2.47 -17.31 22.05
C SER B 79 1.78 -18.11 20.97
C SER B 79 1.77 -18.12 20.97
N GLY B 80 1.34 -19.32 21.32
CA GLY B 80 0.82 -20.28 20.34
C GLY B 80 -0.49 -19.88 19.68
N THR B 81 -1.37 -19.25 20.44
CA THR B 81 -2.67 -18.80 19.91
C THR B 81 -2.68 -17.33 19.55
N TYR B 82 -2.10 -16.48 20.41
CA TYR B 82 -2.22 -15.03 20.25
C TYR B 82 -0.99 -14.27 19.75
N GLY B 83 0.12 -14.95 19.52
CA GLY B 83 1.32 -14.32 18.98
C GLY B 83 1.94 -13.26 19.89
N VAL B 84 1.78 -13.45 21.20
CA VAL B 84 2.24 -12.52 22.22
C VAL B 84 3.38 -13.17 22.98
N THR B 85 4.55 -12.53 22.94
CA THR B 85 5.73 -12.98 23.67
C THR B 85 6.42 -11.83 24.37
N THR B 86 7.11 -12.16 25.46
CA THR B 86 7.93 -11.18 26.16
C THR B 86 9.33 -11.72 26.42
N SER B 87 10.25 -10.78 26.56
CA SER B 87 11.63 -11.08 26.92
C SER B 87 12.20 -9.86 27.63
N GLY B 88 12.54 -10.02 28.90
CA GLY B 88 13.02 -8.89 29.71
C GLY B 88 12.02 -7.75 29.73
N ASN B 89 12.44 -6.60 29.20
CA ASN B 89 11.56 -5.41 29.11
C ASN B 89 10.85 -5.27 27.74
N GLN B 90 10.91 -6.31 26.91
CA GLN B 90 10.39 -6.27 25.55
C GLN B 90 9.12 -7.12 25.40
N LEU B 91 8.12 -6.56 24.73
CA LEU B 91 6.85 -7.23 24.40
C LEU B 91 6.65 -7.21 22.88
N THR B 92 6.38 -8.37 22.30
CA THR B 92 6.06 -8.48 20.88
C THR B 92 4.63 -8.97 20.72
N ILE B 93 3.89 -8.29 19.84
CA ILE B 93 2.56 -8.71 19.40
C ILE B 93 2.64 -8.92 17.88
N ASP B 94 2.43 -10.17 17.45
CA ASP B 94 2.30 -10.50 16.03
C ASP B 94 0.88 -10.17 15.54
N PHE B 95 0.77 -9.98 14.23
CA PHE B 95 -0.49 -9.61 13.62
C PHE B 95 -1.42 -10.81 13.43
N VAL B 96 -1.05 -11.74 12.56
CA VAL B 96 -1.88 -12.93 12.32
C VAL B 96 -1.18 -14.15 12.90
N THR B 97 -1.87 -14.87 13.77
CA THR B 97 -1.36 -16.13 14.32
C THR B 97 -2.40 -17.21 14.03
N GLN B 98 -2.00 -18.24 13.29
N GLN B 98 -1.95 -18.23 13.30
CA GLN B 98 -2.88 -19.36 12.97
CA GLN B 98 -2.76 -19.37 12.91
C GLN B 98 -2.52 -20.57 13.82
C GLN B 98 -2.47 -20.52 13.88
N SER B 99 -3.51 -21.06 14.56
N SER B 99 -3.52 -21.13 14.38
CA SER B 99 -3.37 -22.30 15.32
CA SER B 99 -3.38 -22.28 15.25
C SER B 99 -4.63 -23.13 15.04
C SER B 99 -4.64 -23.15 15.03
N ALA B 100 -5.57 -23.21 15.99
CA ALA B 100 -6.90 -23.81 15.72
C ALA B 100 -7.68 -22.90 14.76
N ASN B 101 -7.58 -21.59 15.00
CA ASN B 101 -8.27 -20.57 14.22
C ASN B 101 -7.26 -19.49 13.84
N LYS B 102 -7.73 -18.54 13.03
CA LYS B 102 -6.94 -17.37 12.68
C LYS B 102 -7.19 -16.31 13.76
N ASN B 103 -6.15 -15.94 14.49
CA ASN B 103 -6.24 -14.83 15.45
C ASN B 103 -5.62 -13.58 14.85
N VAL B 104 -6.27 -12.44 15.03
CA VAL B 104 -5.76 -11.16 14.53
C VAL B 104 -5.48 -10.24 15.72
N GLY B 105 -4.20 -10.00 15.97
CA GLY B 105 -3.77 -9.07 17.00
C GLY B 105 -4.13 -9.46 18.43
N ALA B 106 -4.07 -8.47 19.29
CA ALA B 106 -4.34 -8.66 20.70
C ALA B 106 -4.47 -7.31 21.37
N ARG B 107 -5.11 -7.32 22.53
CA ARG B 107 -5.14 -6.17 23.44
C ARG B 107 -4.73 -6.69 24.80
N LEU B 108 -3.73 -6.05 25.39
CA LEU B 108 -3.09 -6.48 26.62
C LEU B 108 -3.03 -5.35 27.63
N TYR B 109 -3.09 -5.70 28.92
CA TYR B 109 -2.96 -4.72 30.02
C TYR B 109 -1.75 -5.03 30.88
N LEU B 110 -1.05 -3.97 31.32
CA LEU B 110 0.07 -4.17 32.26
C LEU B 110 -0.48 -4.35 33.66
N MET B 111 0.02 -5.38 34.35
CA MET B 111 -0.45 -5.77 35.67
C MET B 111 0.58 -5.43 36.75
N ALA B 112 0.10 -5.04 37.93
CA ALA B 112 0.94 -4.89 39.12
C ALA B 112 1.16 -6.24 39.82
N SER B 113 0.14 -7.08 39.76
CA SER B 113 0.16 -8.45 40.30
C SER B 113 -0.76 -9.28 39.44
N ASP B 114 -0.86 -10.58 39.71
CA ASP B 114 -1.74 -11.45 38.92
C ASP B 114 -3.23 -11.18 39.08
N THR B 115 -3.61 -10.34 40.05
CA THR B 115 -5.00 -9.96 40.28
C THR B 115 -5.31 -8.46 40.16
N ALA B 116 -4.33 -7.65 39.74
CA ALA B 116 -4.52 -6.19 39.68
C ALA B 116 -3.76 -5.56 38.52
N TYR B 117 -4.46 -4.70 37.78
CA TYR B 117 -3.79 -3.87 36.79
C TYR B 117 -2.92 -2.82 37.50
N GLU B 118 -1.79 -2.50 36.89
CA GLU B 118 -0.99 -1.36 37.30
C GLU B 118 -1.78 -0.08 37.00
N GLU B 119 -1.72 0.90 37.89
CA GLU B 119 -2.44 2.16 37.73
C GLU B 119 -1.42 3.28 37.72
N PHE B 120 -1.40 4.03 36.62
CA PHE B 120 -0.48 5.13 36.39
C PHE B 120 -1.26 6.45 36.49
N THR B 121 -0.75 7.37 37.32
CA THR B 121 -1.31 8.72 37.41
C THR B 121 -0.40 9.64 36.60
N LEU B 122 -0.89 10.11 35.46
CA LEU B 122 -0.02 10.72 34.45
C LEU B 122 0.32 12.21 34.66
N LEU B 123 -0.59 12.98 35.28
CA LEU B 123 -0.40 14.44 35.35
C LEU B 123 0.86 14.78 36.15
N ASN B 124 1.65 15.69 35.59
CA ASN B 124 2.98 16.09 36.10
C ASN B 124 4.09 15.05 35.94
N ASN B 125 3.78 13.96 35.26
CA ASN B 125 4.71 12.88 35.04
C ASN B 125 4.93 12.67 33.55
N GLU B 126 5.84 11.77 33.24
CA GLU B 126 6.12 11.42 31.84
C GLU B 126 6.22 9.93 31.67
N PHE B 127 5.87 9.48 30.47
CA PHE B 127 5.89 8.08 30.11
C PHE B 127 6.78 7.96 28.89
N SER B 128 7.74 7.04 28.95
CA SER B 128 8.70 6.78 27.89
C SER B 128 8.61 5.32 27.51
N PHE B 129 8.74 5.05 26.22
CA PHE B 129 8.89 3.69 25.75
C PHE B 129 9.65 3.70 24.44
N ASP B 130 10.19 2.53 24.12
CA ASP B 130 10.83 2.28 22.85
C ASP B 130 9.91 1.42 21.99
N VAL B 131 9.91 1.67 20.68
CA VAL B 131 9.05 0.90 19.79
C VAL B 131 9.75 0.65 18.48
N ASP B 132 9.50 -0.53 17.93
CA ASP B 132 9.87 -0.88 16.57
C ASP B 132 8.59 -1.07 15.80
N VAL B 133 8.32 -0.14 14.89
CA VAL B 133 7.15 -0.18 14.01
C VAL B 133 7.54 -0.58 12.59
N SER B 134 8.78 -1.03 12.38
CA SER B 134 9.25 -1.33 11.02
C SER B 134 8.41 -2.37 10.29
N ALA B 135 7.84 -3.32 11.02
CA ALA B 135 7.02 -4.36 10.42
C ALA B 135 5.51 -4.05 10.48
N LEU B 136 5.14 -2.78 10.54
CA LEU B 136 3.74 -2.36 10.53
C LEU B 136 3.45 -1.59 9.25
N PRO B 137 2.84 -2.24 8.25
CA PRO B 137 2.51 -1.54 7.02
C PRO B 137 1.22 -0.71 7.13
N CYS B 138 0.88 -0.05 6.02
CA CYS B 138 -0.44 0.59 5.87
C CYS B 138 -1.57 -0.30 6.37
N GLY B 139 -2.49 0.31 7.14
CA GLY B 139 -3.67 -0.40 7.64
C GLY B 139 -3.55 -1.01 9.02
N LEU B 140 -2.36 -1.01 9.63
CA LEU B 140 -2.19 -1.59 10.97
C LEU B 140 -1.97 -0.47 11.99
N ASN B 141 -2.34 -0.74 13.23
CA ASN B 141 -2.18 0.21 14.34
C ASN B 141 -1.60 -0.55 15.53
N GLY B 142 -0.32 -0.29 15.84
CA GLY B 142 0.30 -0.72 17.08
C GLY B 142 0.05 0.41 18.07
N ALA B 143 -0.74 0.13 19.10
CA ALA B 143 -1.22 1.17 20.00
C ALA B 143 -0.71 0.99 21.41
N LEU B 144 -0.30 2.09 22.03
CA LEU B 144 0.05 2.11 23.45
C LEU B 144 -0.72 3.28 24.03
N TYR B 145 -1.56 2.98 25.02
CA TYR B 145 -2.47 4.00 25.53
C TYR B 145 -2.97 3.71 26.92
N PHE B 146 -3.69 4.67 27.48
CA PHE B 146 -4.20 4.62 28.82
C PHE B 146 -5.71 4.79 28.83
N VAL B 147 -6.37 4.02 29.69
CA VAL B 147 -7.80 4.12 29.92
C VAL B 147 -8.12 4.07 31.42
N SER B 148 -9.17 4.76 31.83
CA SER B 148 -9.58 4.78 33.24
C SER B 148 -10.39 3.53 33.64
N MET B 149 -9.73 2.38 33.56
CA MET B 149 -10.27 1.09 34.01
C MET B 149 -10.07 0.92 35.51
N ASP B 150 -10.98 0.17 36.13
CA ASP B 150 -10.81 -0.30 37.52
C ASP B 150 -9.65 -1.29 37.60
N ALA B 151 -8.84 -1.18 38.66
CA ALA B 151 -7.65 -2.03 38.85
C ALA B 151 -7.95 -3.53 38.95
N ASP B 152 -9.15 -3.87 39.42
CA ASP B 152 -9.57 -5.27 39.56
C ASP B 152 -10.52 -5.71 38.45
N GLY B 153 -10.58 -4.97 37.35
CA GLY B 153 -11.48 -5.29 36.26
C GLY B 153 -12.96 -5.17 36.57
N GLY B 154 -13.31 -4.54 37.70
CA GLY B 154 -14.70 -4.41 38.15
C GLY B 154 -15.15 -5.41 39.21
N ALA B 155 -14.27 -6.32 39.61
CA ALA B 155 -14.64 -7.44 40.50
C ALA B 155 -15.31 -7.02 41.81
N SER B 156 -14.79 -5.98 42.45
CA SER B 156 -15.32 -5.53 43.74
C SER B 156 -16.69 -4.86 43.61
N LYS B 157 -16.95 -4.24 42.47
CA LYS B 157 -18.23 -3.61 42.20
C LYS B 157 -19.28 -4.59 41.71
N TYR B 158 -18.87 -5.60 40.96
CA TYR B 158 -19.79 -6.49 40.25
C TYR B 158 -19.48 -7.93 40.64
N PRO B 159 -20.19 -8.45 41.66
CA PRO B 159 -19.87 -9.79 42.19
C PRO B 159 -20.01 -10.96 41.23
N THR B 160 -20.77 -10.81 40.14
CA THR B 160 -20.85 -11.81 39.10
C THR B 160 -19.63 -11.80 38.15
N ASN B 161 -18.73 -10.82 38.30
CA ASN B 161 -17.40 -10.88 37.70
C ASN B 161 -16.46 -11.58 38.67
N LEU B 162 -16.32 -12.89 38.50
CA LEU B 162 -15.38 -13.69 39.30
C LEU B 162 -14.02 -13.85 38.62
N ALA B 163 -13.88 -13.30 37.42
CA ALA B 163 -12.65 -13.43 36.66
C ALA B 163 -11.65 -12.30 36.94
N GLY B 164 -12.17 -11.07 36.96
CA GLY B 164 -11.39 -9.90 37.33
C GLY B 164 -10.22 -9.60 36.40
N ALA B 165 -9.23 -8.92 36.94
CA ALA B 165 -8.05 -8.52 36.18
C ALA B 165 -7.21 -9.69 35.68
N LYS B 166 -7.21 -10.80 36.42
N LYS B 166 -7.21 -10.80 36.42
CA LYS B 166 -6.47 -12.01 36.02
CA LYS B 166 -6.47 -12.01 36.02
C LYS B 166 -6.85 -12.52 34.63
C LYS B 166 -6.85 -12.52 34.63
N TYR B 167 -8.10 -12.28 34.21
CA TYR B 167 -8.59 -12.67 32.87
C TYR B 167 -8.92 -11.48 31.99
N GLY B 168 -8.42 -10.30 32.34
CA GLY B 168 -8.49 -9.16 31.43
C GLY B 168 -9.90 -8.61 31.23
N THR B 169 -10.70 -8.63 32.31
CA THR B 169 -12.04 -8.03 32.28
C THR B 169 -11.99 -6.53 32.55
N GLY B 170 -13.06 -5.85 32.20
CA GLY B 170 -13.26 -4.47 32.64
C GLY B 170 -12.85 -3.38 31.66
N TYR B 171 -12.55 -3.76 30.42
CA TYR B 171 -12.17 -2.77 29.42
C TYR B 171 -13.26 -1.71 29.20
N CYS B 172 -12.77 -0.50 28.99
CA CYS B 172 -13.58 0.64 28.58
C CYS B 172 -12.66 1.56 27.82
N ASP B 173 -13.22 2.38 26.93
CA ASP B 173 -12.45 3.44 26.30
C ASP B 173 -13.40 4.52 25.79
N SER B 174 -12.87 5.54 25.14
CA SER B 174 -13.68 6.70 24.74
C SER B 174 -14.62 6.47 23.56
N GLN B 175 -14.52 5.31 22.92
CA GLN B 175 -15.52 4.91 21.93
C GLN B 175 -16.80 4.38 22.56
N CYS B 176 -16.78 4.08 23.86
CA CYS B 176 -17.88 3.36 24.51
C CYS B 176 -18.16 2.07 23.74
N PRO B 177 -17.12 1.24 23.58
CA PRO B 177 -17.20 0.09 22.69
C PRO B 177 -18.31 -0.88 23.07
N ARG B 178 -19.09 -1.27 22.07
CA ARG B 178 -20.20 -2.20 22.21
C ARG B 178 -19.88 -3.62 21.73
N ASP B 179 -18.66 -3.82 21.22
CA ASP B 179 -18.20 -5.13 20.76
C ASP B 179 -17.78 -6.08 21.89
N LEU B 180 -17.71 -5.55 23.11
CA LEU B 180 -17.32 -6.33 24.28
C LEU B 180 -18.38 -7.37 24.64
N LYS B 181 -17.93 -8.58 24.94
CA LYS B 181 -18.83 -9.68 25.29
C LYS B 181 -19.23 -9.70 26.75
N PHE B 182 -18.37 -9.19 27.63
CA PHE B 182 -18.70 -9.03 29.04
C PHE B 182 -18.42 -7.60 29.48
N ILE B 183 -19.42 -6.99 30.13
CA ILE B 183 -19.31 -5.65 30.69
C ILE B 183 -19.89 -5.64 32.10
N SER B 184 -19.08 -5.22 33.07
CA SER B 184 -19.51 -5.05 34.47
C SER B 184 -20.21 -6.29 35.02
N GLY B 185 -19.61 -7.46 34.77
CA GLY B 185 -20.09 -8.71 35.38
C GLY B 185 -21.31 -9.33 34.70
N GLN B 186 -21.67 -8.80 33.53
CA GLN B 186 -22.77 -9.34 32.75
C GLN B 186 -22.33 -9.53 31.32
N ALA B 187 -22.93 -10.50 30.63
CA ALA B 187 -22.67 -10.69 29.22
C ALA B 187 -23.40 -9.60 28.44
N ASN B 188 -23.08 -9.49 27.16
CA ASN B 188 -23.66 -8.46 26.28
C ASN B 188 -24.49 -9.15 25.20
N VAL B 189 -25.28 -10.12 25.63
CA VAL B 189 -26.04 -10.97 24.70
C VAL B 189 -27.34 -10.32 24.21
N GLU B 190 -27.98 -9.52 25.07
CA GLU B 190 -29.29 -8.93 24.74
C GLU B 190 -29.16 -7.86 23.64
N GLY B 191 -29.77 -8.14 22.50
CA GLY B 191 -29.68 -7.26 21.34
C GLY B 191 -28.43 -7.41 20.50
N TRP B 192 -27.65 -8.47 20.74
CA TRP B 192 -26.39 -8.71 20.02
C TRP B 192 -26.66 -8.90 18.54
N GLN B 193 -25.85 -8.24 17.71
CA GLN B 193 -25.91 -8.38 16.27
C GLN B 193 -24.51 -8.73 15.76
N PRO B 194 -24.38 -9.89 15.06
CA PRO B 194 -23.07 -10.22 14.47
C PRO B 194 -22.64 -9.21 13.43
N SER B 195 -21.32 -8.97 13.32
CA SER B 195 -20.78 -8.08 12.29
C SER B 195 -21.02 -8.69 10.92
N SER B 196 -21.38 -7.89 9.94
CA SER B 196 -21.54 -8.39 8.57
C SER B 196 -20.19 -8.68 7.88
N ASN B 197 -19.09 -8.09 8.36
CA ASN B 197 -17.79 -8.20 7.68
C ASN B 197 -16.69 -8.89 8.53
N ASN B 198 -17.10 -9.57 9.61
CA ASN B 198 -16.16 -10.19 10.53
C ASN B 198 -16.83 -11.38 11.21
N ALA B 199 -16.31 -12.57 10.94
CA ALA B 199 -16.85 -13.83 11.45
C ALA B 199 -16.78 -13.99 12.97
N ASN B 200 -15.93 -13.22 13.65
CA ASN B 200 -15.66 -13.40 15.07
C ASN B 200 -16.20 -12.32 16.00
N THR B 201 -16.75 -11.23 15.44
CA THR B 201 -17.16 -10.07 16.24
C THR B 201 -18.62 -9.69 16.03
N GLY B 202 -19.13 -8.87 16.93
CA GLY B 202 -20.48 -8.32 16.82
C GLY B 202 -20.60 -7.05 17.66
N ILE B 203 -21.84 -6.57 17.81
CA ILE B 203 -22.16 -5.33 18.51
C ILE B 203 -23.36 -5.61 19.41
N GLY B 204 -23.19 -5.41 20.72
CA GLY B 204 -24.24 -5.67 21.71
C GLY B 204 -25.02 -4.43 22.09
N GLY B 205 -26.03 -4.63 22.93
CA GLY B 205 -26.89 -3.53 23.38
C GLY B 205 -26.26 -2.55 24.35
N HIS B 206 -25.15 -2.95 24.98
CA HIS B 206 -24.40 -2.07 25.88
C HIS B 206 -22.97 -1.84 25.41
N GLY B 207 -22.44 -0.70 25.82
CA GLY B 207 -21.02 -0.39 25.66
C GLY B 207 -20.40 0.01 26.98
N SER B 208 -19.07 0.19 26.93
CA SER B 208 -18.27 0.45 28.13
C SER B 208 -17.41 1.70 27.94
N CYS B 209 -17.83 2.80 28.56
CA CYS B 209 -17.19 4.13 28.40
C CYS B 209 -16.19 4.43 29.48
N CYS B 210 -15.06 5.01 29.10
CA CYS B 210 -14.21 5.72 30.06
C CYS B 210 -13.16 6.55 29.36
N SER B 211 -12.54 7.43 30.15
CA SER B 211 -11.53 8.37 29.67
C SER B 211 -10.35 7.63 29.06
N GLU B 212 -9.72 8.27 28.08
CA GLU B 212 -8.68 7.63 27.29
C GLU B 212 -7.62 8.62 26.86
N MET B 213 -6.36 8.25 27.09
N MET B 213 -6.36 8.23 27.05
CA MET B 213 -5.22 9.03 26.61
CA MET B 213 -5.23 9.01 26.64
C MET B 213 -4.44 8.14 25.67
C MET B 213 -4.42 8.15 25.66
N ASP B 214 -4.56 8.41 24.37
CA ASP B 214 -3.84 7.68 23.33
C ASP B 214 -2.46 8.25 23.12
N ILE B 215 -1.49 7.69 23.82
CA ILE B 215 -0.11 8.16 23.72
C ILE B 215 0.42 7.86 22.31
N TRP B 216 0.15 6.65 21.82
CA TRP B 216 0.76 6.17 20.60
C TRP B 216 -0.19 5.32 19.80
N GLU B 217 -0.51 5.77 18.59
CA GLU B 217 -1.20 4.95 17.62
C GLU B 217 -0.39 5.11 16.35
N ALA B 218 0.13 4.01 15.80
CA ALA B 218 1.11 4.15 14.74
C ALA B 218 1.37 2.90 13.95
N ASN B 219 1.89 3.14 12.76
CA ASN B 219 2.56 2.14 11.97
C ASN B 219 3.84 2.75 11.40
N SER B 220 4.48 2.09 10.43
CA SER B 220 5.71 2.63 9.85
C SER B 220 5.47 3.91 9.03
N ILE B 221 4.22 4.25 8.73
CA ILE B 221 3.91 5.42 7.90
C ILE B 221 3.44 6.64 8.68
N SER B 222 2.52 6.46 9.62
CA SER B 222 1.95 7.58 10.36
C SER B 222 1.79 7.28 11.85
N GLN B 223 1.70 8.33 12.65
CA GLN B 223 1.52 8.22 14.10
C GLN B 223 0.70 9.38 14.64
N ALA B 224 -0.02 9.13 15.73
CA ALA B 224 -0.87 10.14 16.36
C ALA B 224 -0.88 10.01 17.87
N LEU B 225 -1.06 11.18 18.52
CA LEU B 225 -1.12 11.35 19.97
C LEU B 225 -2.44 12.07 20.27
N THR B 226 -3.31 11.44 21.08
CA THR B 226 -4.71 11.92 21.17
C THR B 226 -5.35 11.73 22.56
N PRO B 227 -5.55 12.83 23.32
CA PRO B 227 -6.44 12.78 24.48
C PRO B 227 -7.93 12.71 24.08
N HIS B 228 -8.71 11.90 24.80
CA HIS B 228 -10.17 11.77 24.64
C HIS B 228 -10.87 11.85 26.01
N PRO B 229 -11.49 13.00 26.34
CA PRO B 229 -12.21 13.10 27.62
C PRO B 229 -13.59 12.43 27.60
N CYS B 230 -14.08 12.10 28.77
CA CYS B 230 -15.45 11.65 28.98
C CYS B 230 -16.08 12.45 30.12
N GLU B 231 -17.40 12.56 30.10
CA GLU B 231 -18.12 13.32 31.13
C GLU B 231 -17.98 12.71 32.51
N THR B 232 -17.89 11.38 32.56
CA THR B 232 -17.53 10.67 33.78
C THR B 232 -16.13 10.15 33.55
N VAL B 233 -15.25 10.35 34.53
CA VAL B 233 -13.86 9.94 34.38
C VAL B 233 -13.73 8.43 34.15
N GLY B 234 -14.30 7.64 35.05
CA GLY B 234 -14.15 6.19 35.04
C GLY B 234 -15.24 5.46 34.28
N GLN B 235 -15.29 4.15 34.49
CA GLN B 235 -16.16 3.30 33.68
C GLN B 235 -17.64 3.57 33.93
N VAL B 236 -18.38 3.75 32.83
N VAL B 236 -18.37 3.63 32.82
CA VAL B 236 -19.84 3.71 32.88
CA VAL B 236 -19.81 3.78 32.81
C VAL B 236 -20.32 2.86 31.72
C VAL B 236 -20.39 2.95 31.67
N THR B 237 -21.45 2.20 31.94
CA THR B 237 -22.11 1.39 30.90
C THR B 237 -23.15 2.25 30.20
N CYS B 238 -23.12 2.23 28.88
CA CYS B 238 -24.06 2.97 28.06
C CYS B 238 -24.94 1.99 27.30
N SER B 239 -26.03 2.51 26.73
CA SER B 239 -26.99 1.69 25.99
C SER B 239 -27.12 2.15 24.55
N GLY B 240 -26.89 1.22 23.62
CA GLY B 240 -27.17 1.40 22.21
C GLY B 240 -26.57 2.66 21.61
N ASP B 241 -27.40 3.39 20.86
CA ASP B 241 -26.95 4.61 20.16
C ASP B 241 -26.47 5.70 21.09
N ASP B 242 -26.98 5.72 22.32
CA ASP B 242 -26.52 6.71 23.29
C ASP B 242 -25.08 6.45 23.76
N CYS B 243 -24.48 5.34 23.36
CA CYS B 243 -23.04 5.13 23.52
C CYS B 243 -22.20 6.08 22.67
N GLY B 244 -22.75 6.51 21.53
CA GLY B 244 -21.96 7.22 20.54
C GLY B 244 -20.93 6.29 19.92
N GLY B 245 -19.88 6.88 19.37
CA GLY B 245 -18.82 6.11 18.73
C GLY B 245 -19.21 5.68 17.33
N THR B 246 -18.31 4.92 16.70
CA THR B 246 -18.45 4.53 15.30
C THR B 246 -19.67 3.66 15.06
N TYR B 247 -19.88 2.68 15.94
CA TYR B 247 -21.02 1.77 15.81
C TYR B 247 -22.24 2.32 16.55
N SER B 248 -22.79 3.41 16.01
N SER B 248 -22.78 3.41 16.00
N SER B 248 -22.78 3.40 16.00
CA SER B 248 -23.97 4.05 16.56
CA SER B 248 -23.96 4.07 16.54
CA SER B 248 -23.95 4.09 16.55
C SER B 248 -24.49 5.03 15.51
C SER B 248 -24.50 5.00 15.48
C SER B 248 -24.50 5.01 15.48
N ASN B 249 -25.79 5.30 15.56
CA ASN B 249 -26.46 6.19 14.61
C ASN B 249 -26.13 7.68 14.85
N ASN B 250 -25.61 8.02 16.02
CA ASN B 250 -25.09 9.36 16.29
C ASN B 250 -23.80 9.24 17.10
N ARG B 251 -22.70 9.22 16.36
CA ARG B 251 -21.34 9.29 16.87
C ARG B 251 -21.13 10.16 18.14
N TYR B 252 -21.78 11.32 18.18
CA TYR B 252 -21.57 12.35 19.21
C TYR B 252 -22.69 12.43 20.24
N GLY B 253 -23.61 11.46 20.19
CA GLY B 253 -24.75 11.39 21.11
C GLY B 253 -24.49 10.76 22.47
N GLY B 254 -23.25 10.34 22.74
CA GLY B 254 -22.89 9.77 24.03
C GLY B 254 -22.18 10.73 24.97
N THR B 255 -21.53 10.15 25.97
CA THR B 255 -20.90 10.89 27.06
C THR B 255 -19.37 10.98 26.96
N CYS B 256 -18.78 10.36 25.93
CA CYS B 256 -17.33 10.45 25.68
C CYS B 256 -17.09 11.14 24.35
N ASP B 257 -15.84 11.58 24.18
CA ASP B 257 -15.38 12.20 22.94
C ASP B 257 -14.70 11.12 22.10
N PRO B 258 -15.39 10.61 21.05
CA PRO B 258 -14.76 9.57 20.24
C PRO B 258 -13.68 10.05 19.25
N ASP B 259 -13.59 11.36 19.02
CA ASP B 259 -12.67 11.92 18.03
C ASP B 259 -11.32 12.24 18.66
N GLY B 260 -11.35 12.98 19.76
CA GLY B 260 -10.14 13.41 20.46
C GLY B 260 -9.52 14.65 19.88
N CYS B 261 -8.61 15.25 20.64
CA CYS B 261 -7.77 16.34 20.16
C CYS B 261 -6.46 15.68 19.72
N ASP B 262 -6.38 15.34 18.44
CA ASP B 262 -5.28 14.51 17.92
C ASP B 262 -4.15 15.34 17.37
N TRP B 263 -2.92 14.84 17.56
CA TRP B 263 -1.72 15.42 16.97
C TRP B 263 -0.99 14.35 16.15
N ASN B 264 -1.11 14.48 14.84
CA ASN B 264 -0.41 13.66 13.85
C ASN B 264 0.43 14.67 13.07
N PRO B 265 1.77 14.59 13.18
CA PRO B 265 2.61 15.62 12.54
C PRO B 265 2.35 15.81 11.05
N TYR B 266 2.04 14.72 10.34
CA TYR B 266 1.73 14.77 8.89
C TYR B 266 0.42 15.52 8.65
N ARG B 267 -0.59 15.20 9.44
CA ARG B 267 -1.86 15.90 9.37
C ARG B 267 -1.67 17.42 9.62
N LEU B 268 -0.70 17.75 10.48
CA LEU B 268 -0.37 19.12 10.83
C LEU B 268 0.79 19.71 9.99
N GLY B 269 0.92 19.20 8.76
CA GLY B 269 1.68 19.85 7.71
C GLY B 269 3.16 19.53 7.64
N ASN B 270 3.63 18.56 8.44
CA ASN B 270 5.02 18.17 8.35
C ASN B 270 5.12 16.78 7.74
N HIS B 271 5.48 16.74 6.46
CA HIS B 271 5.45 15.51 5.68
C HIS B 271 6.77 14.76 5.64
N THR B 272 7.79 15.27 6.33
CA THR B 272 9.13 14.68 6.33
C THR B 272 9.64 14.28 7.73
N PHE B 273 8.81 14.40 8.76
CA PHE B 273 9.26 14.13 10.11
C PHE B 273 9.33 12.65 10.43
N TYR B 274 8.32 11.91 9.99
CA TYR B 274 8.12 10.52 10.43
C TYR B 274 7.83 9.60 9.25
N GLY B 275 8.71 8.62 9.03
CA GLY B 275 8.52 7.68 7.93
C GLY B 275 9.69 6.76 7.73
N PRO B 276 9.57 5.82 6.79
CA PRO B 276 10.62 4.84 6.63
C PRO B 276 11.85 5.40 5.89
N GLY B 277 13.01 5.22 6.52
CA GLY B 277 14.29 5.52 5.89
C GLY B 277 14.84 6.89 6.11
N SER B 278 15.96 7.16 5.44
CA SER B 278 16.76 8.36 5.70
C SER B 278 16.17 9.67 5.18
N GLY B 279 15.07 9.63 4.45
CA GLY B 279 14.35 10.84 4.08
C GLY B 279 13.56 11.48 5.21
N PHE B 280 13.48 10.82 6.36
CA PHE B 280 12.66 11.30 7.46
C PHE B 280 13.50 11.59 8.69
N THR B 281 13.04 12.54 9.50
CA THR B 281 13.72 12.88 10.75
C THR B 281 13.79 11.69 11.71
N VAL B 282 12.64 11.03 11.88
CA VAL B 282 12.52 9.81 12.67
C VAL B 282 12.25 8.69 11.66
N ASP B 283 13.23 7.81 11.55
CA ASP B 283 13.27 6.71 10.57
C ASP B 283 12.55 5.49 11.16
N THR B 284 11.38 5.17 10.60
CA THR B 284 10.56 4.09 11.16
C THR B 284 11.04 2.66 10.84
N THR B 285 12.14 2.52 10.09
CA THR B 285 12.78 1.20 9.97
C THR B 285 13.66 0.88 11.16
N LYS B 286 13.84 1.84 12.08
CA LYS B 286 14.70 1.66 13.25
C LYS B 286 13.91 1.95 14.53
N LYS B 287 14.41 1.41 15.63
CA LYS B 287 13.77 1.61 16.95
C LYS B 287 13.70 3.11 17.28
N ILE B 288 12.59 3.50 17.90
CA ILE B 288 12.33 4.88 18.27
C ILE B 288 12.00 4.92 19.78
N THR B 289 12.59 5.87 20.51
CA THR B 289 12.16 6.18 21.85
C THR B 289 11.17 7.33 21.79
N VAL B 290 10.02 7.17 22.45
CA VAL B 290 8.92 8.12 22.40
C VAL B 290 8.63 8.57 23.82
N VAL B 291 8.79 9.86 24.11
CA VAL B 291 8.57 10.41 25.46
C VAL B 291 7.41 11.42 25.43
N THR B 292 6.52 11.26 26.38
CA THR B 292 5.30 12.05 26.47
C THR B 292 5.16 12.59 27.87
N GLN B 293 4.97 13.91 27.99
CA GLN B 293 5.02 14.64 29.26
C GLN B 293 3.69 15.36 29.47
N PHE B 294 3.11 15.20 30.66
CA PHE B 294 1.75 15.69 30.94
C PHE B 294 1.72 16.78 32.01
N SER B 295 1.13 17.94 31.71
N SER B 295 1.13 17.93 31.70
CA SER B 295 0.94 19.01 32.70
CA SER B 295 0.96 19.05 32.65
C SER B 295 -0.46 19.58 32.56
C SER B 295 -0.46 19.59 32.56
N SER B 296 -0.85 20.40 33.53
CA SER B 296 -2.18 21.04 33.51
C SER B 296 -2.35 21.92 32.27
N THR B 297 -1.24 22.49 31.77
CA THR B 297 -1.26 23.31 30.57
C THR B 297 -1.20 22.54 29.25
N GLY B 298 -0.63 21.33 29.25
CA GLY B 298 -0.64 20.54 28.02
C GLY B 298 0.21 19.30 27.99
N ILE B 299 0.26 18.70 26.82
CA ILE B 299 0.99 17.47 26.59
C ILE B 299 2.12 17.78 25.65
N ASN B 300 3.34 17.46 26.07
CA ASN B 300 4.53 17.67 25.27
C ASN B 300 5.13 16.33 24.88
N ARG B 301 5.93 16.36 23.83
CA ARG B 301 6.42 15.15 23.18
C ARG B 301 7.82 15.36 22.63
N TYR B 302 8.70 14.40 22.88
CA TYR B 302 9.95 14.34 22.13
C TYR B 302 10.29 12.90 21.82
N TYR B 303 11.22 12.73 20.88
CA TYR B 303 11.65 11.43 20.42
C TYR B 303 13.16 11.34 20.57
N VAL B 304 13.68 10.13 20.77
CA VAL B 304 15.12 9.88 20.68
C VAL B 304 15.35 8.72 19.73
N GLN B 305 16.25 8.90 18.78
CA GLN B 305 16.64 7.82 17.88
C GLN B 305 18.13 7.92 17.61
N ASN B 306 18.82 6.80 17.79
CA ASN B 306 20.25 6.74 17.57
C ASN B 306 20.93 7.77 18.50
N GLY B 307 20.36 7.96 19.68
CA GLY B 307 20.87 8.90 20.69
C GLY B 307 20.62 10.39 20.47
N VAL B 308 19.88 10.73 19.42
CA VAL B 308 19.64 12.12 19.08
C VAL B 308 18.21 12.48 19.44
N LYS B 309 18.05 13.56 20.21
CA LYS B 309 16.75 14.03 20.66
C LYS B 309 16.13 14.99 19.64
N PHE B 310 14.89 14.71 19.27
CA PHE B 310 14.11 15.55 18.38
C PHE B 310 12.79 15.86 19.07
N VAL B 311 12.56 17.14 19.35
CA VAL B 311 11.26 17.55 19.91
C VAL B 311 10.17 17.43 18.85
N GLN B 312 8.93 17.29 19.29
CA GLN B 312 7.77 17.35 18.41
C GLN B 312 7.88 18.57 17.47
N PRO B 313 7.72 18.38 16.15
CA PRO B 313 7.75 19.56 15.28
C PRO B 313 6.58 20.50 15.51
N ASN B 314 6.77 21.77 15.22
CA ASN B 314 5.65 22.73 15.30
C ASN B 314 4.59 22.37 14.27
N ALA B 315 3.33 22.65 14.62
CA ALA B 315 2.25 22.61 13.63
C ALA B 315 2.62 23.57 12.50
N SER B 316 2.41 23.14 11.26
CA SER B 316 2.81 23.93 10.11
C SER B 316 1.58 24.30 9.33
N GLY B 317 1.35 25.60 9.16
CA GLY B 317 0.25 26.10 8.35
C GLY B 317 -1.11 25.99 9.01
N LEU B 318 -1.15 25.85 10.34
CA LEU B 318 -2.41 25.78 11.07
C LEU B 318 -2.79 27.19 11.53
N SER B 319 -3.90 27.71 11.01
CA SER B 319 -4.35 29.07 11.35
C SER B 319 -4.49 29.25 12.85
N GLY B 320 -3.83 30.27 13.37
CA GLY B 320 -3.95 30.64 14.77
C GLY B 320 -3.21 29.77 15.77
N TYR B 321 -2.30 28.90 15.32
CA TYR B 321 -1.51 28.12 16.27
C TYR B 321 -0.13 27.82 15.71
N THR B 322 0.86 28.31 16.43
CA THR B 322 2.23 27.99 16.22
C THR B 322 2.62 27.36 17.55
N GLY B 323 3.38 26.29 17.50
CA GLY B 323 3.75 25.58 18.72
C GLY B 323 3.69 24.11 18.43
N ASN B 324 4.13 23.33 19.40
CA ASN B 324 4.29 21.89 19.27
C ASN B 324 3.67 21.12 20.44
N THR B 325 2.71 21.75 21.13
CA THR B 325 2.15 21.24 22.38
C THR B 325 0.66 21.03 22.23
N ILE B 326 0.13 19.90 22.71
CA ILE B 326 -1.31 19.73 22.80
C ILE B 326 -1.73 20.52 24.01
N ASN B 327 -2.27 21.70 23.76
CA ASN B 327 -2.84 22.52 24.82
C ASN B 327 -4.19 23.02 24.37
N SER B 328 -4.87 23.80 25.21
CA SER B 328 -6.23 24.21 24.87
C SER B 328 -6.26 25.06 23.60
N ALA B 329 -5.24 25.90 23.40
CA ALA B 329 -5.12 26.71 22.19
C ALA B 329 -5.03 25.85 20.94
N TYR B 330 -4.18 24.82 20.97
CA TYR B 330 -4.10 23.90 19.83
C TYR B 330 -5.46 23.24 19.55
N CYS B 331 -6.08 22.69 20.59
CA CYS B 331 -7.30 21.90 20.39
C CYS B 331 -8.41 22.76 19.81
N SER B 332 -8.49 24.01 20.23
CA SER B 332 -9.44 24.95 19.66
C SER B 332 -9.11 25.32 18.21
N ALA B 333 -7.83 25.59 17.95
CA ALA B 333 -7.38 25.90 16.58
C ALA B 333 -7.65 24.74 15.64
N GLU B 334 -7.44 23.52 16.12
CA GLU B 334 -7.71 22.33 15.31
C GLU B 334 -9.19 22.24 14.94
N GLN B 335 -10.05 22.42 15.93
CA GLN B 335 -11.50 22.39 15.71
C GLN B 335 -11.90 23.48 14.72
N THR B 336 -11.36 24.68 14.90
CA THR B 336 -11.68 25.80 14.02
C THR B 336 -11.25 25.53 12.55
N ALA B 337 -10.06 24.97 12.36
CA ALA B 337 -9.53 24.72 11.01
C ALA B 337 -10.13 23.47 10.36
N PHE B 338 -10.22 22.39 11.14
CA PHE B 338 -10.62 21.07 10.61
C PHE B 338 -12.11 20.76 10.76
N GLY B 339 -12.77 21.38 11.73
CA GLY B 339 -14.18 21.16 12.01
C GLY B 339 -14.32 20.34 13.26
N GLY B 340 -15.52 20.38 13.82
CA GLY B 340 -15.87 19.56 14.98
C GLY B 340 -15.89 20.32 16.29
N THR B 341 -16.68 19.80 17.23
CA THR B 341 -16.75 20.36 18.57
C THR B 341 -16.71 19.28 19.65
N SER B 342 -16.46 18.02 19.27
CA SER B 342 -16.61 16.91 20.21
C SER B 342 -15.70 17.05 21.43
N PHE B 343 -14.43 17.33 21.18
CA PHE B 343 -13.44 17.43 22.24
C PHE B 343 -13.82 18.47 23.30
N THR B 344 -14.19 19.67 22.87
CA THR B 344 -14.58 20.71 23.83
C THR B 344 -15.99 20.51 24.38
N ASP B 345 -16.90 19.92 23.58
CA ASP B 345 -18.25 19.58 24.07
C ASP B 345 -18.17 18.64 25.26
N LYS B 346 -17.19 17.74 25.27
CA LYS B 346 -17.03 16.75 26.35
C LYS B 346 -16.06 17.19 27.45
N GLY B 347 -15.69 18.47 27.46
CA GLY B 347 -14.96 19.09 28.56
C GLY B 347 -13.48 19.37 28.31
N GLY B 348 -13.00 18.99 27.12
CA GLY B 348 -11.65 19.32 26.69
C GLY B 348 -10.55 18.85 27.61
N LEU B 349 -9.47 19.63 27.64
N LEU B 349 -9.46 19.61 27.64
CA LEU B 349 -8.28 19.29 28.42
CA LEU B 349 -8.30 19.24 28.45
C LEU B 349 -8.54 19.30 29.93
C LEU B 349 -8.55 19.29 29.95
N THR B 350 -9.41 20.21 30.40
CA THR B 350 -9.75 20.28 31.82
C THR B 350 -10.35 18.94 32.29
N GLN B 351 -11.26 18.39 31.48
CA GLN B 351 -11.88 17.12 31.78
C GLN B 351 -10.91 15.95 31.60
N MET B 352 -10.09 15.98 30.56
CA MET B 352 -9.03 14.98 30.38
C MET B 352 -8.14 14.97 31.60
N ASN B 353 -7.78 16.15 32.10
CA ASN B 353 -6.84 16.24 33.21
C ASN B 353 -7.36 15.60 34.50
N LYS B 354 -8.69 15.54 34.68
CA LYS B 354 -9.25 14.82 35.81
C LYS B 354 -8.89 13.33 35.74
N ALA B 355 -8.98 12.74 34.55
CA ALA B 355 -8.55 11.35 34.35
C ALA B 355 -7.06 11.16 34.55
N LEU B 356 -6.27 12.12 34.08
CA LEU B 356 -4.81 12.10 34.26
C LEU B 356 -4.40 12.29 35.72
N SER B 357 -5.32 12.76 36.56
CA SER B 357 -5.08 12.93 38.00
C SER B 357 -5.51 11.73 38.83
N GLY B 358 -6.10 10.72 38.19
CA GLY B 358 -6.39 9.43 38.78
C GLY B 358 -5.62 8.33 38.09
N GLY B 359 -5.77 7.11 38.58
CA GLY B 359 -5.10 5.97 37.99
C GLY B 359 -5.66 5.62 36.61
N MET B 360 -4.77 5.31 35.67
CA MET B 360 -5.17 4.75 34.39
C MET B 360 -4.34 3.50 34.11
N VAL B 361 -4.94 2.57 33.36
CA VAL B 361 -4.35 1.29 33.03
C VAL B 361 -3.68 1.39 31.67
N LEU B 362 -2.47 0.84 31.58
CA LEU B 362 -1.69 0.82 30.33
C LEU B 362 -2.17 -0.32 29.45
N VAL B 363 -2.52 0.05 28.22
CA VAL B 363 -3.00 -0.88 27.21
C VAL B 363 -1.98 -0.92 26.08
N LEU B 364 -1.66 -2.15 25.63
CA LEU B 364 -0.79 -2.39 24.50
C LEU B 364 -1.57 -3.26 23.51
N SER B 365 -1.69 -2.80 22.27
CA SER B 365 -2.48 -3.53 21.29
C SER B 365 -1.93 -3.48 19.88
N LEU B 366 -2.46 -4.38 19.06
CA LEU B 366 -2.21 -4.38 17.61
C LEU B 366 -3.53 -4.75 16.96
N TRP B 367 -4.00 -3.91 16.03
CA TRP B 367 -5.29 -4.14 15.40
C TRP B 367 -5.33 -3.60 13.96
N ASP B 368 -6.28 -4.14 13.20
CA ASP B 368 -6.69 -3.58 11.92
C ASP B 368 -8.16 -3.17 12.03
N ASP B 369 -8.60 -2.34 11.10
CA ASP B 369 -9.75 -1.49 11.28
C ASP B 369 -10.89 -1.89 10.34
N TYR B 370 -11.85 -2.61 10.92
CA TYR B 370 -13.01 -3.12 10.19
C TYR B 370 -14.09 -2.06 9.92
N ALA B 371 -13.89 -0.83 10.41
CA ALA B 371 -14.75 0.31 10.10
C ALA B 371 -14.23 1.23 9.00
N ALA B 372 -12.96 1.62 9.09
CA ALA B 372 -12.41 2.65 8.22
C ALA B 372 -11.01 2.37 7.67
N ASN B 373 -10.55 1.11 7.75
CA ASN B 373 -9.30 0.67 7.11
C ASN B 373 -8.04 1.46 7.54
N MET B 374 -8.11 2.10 8.72
CA MET B 374 -7.01 2.89 9.28
C MET B 374 -6.66 4.11 8.43
N LEU B 375 -7.55 4.52 7.53
CA LEU B 375 -7.28 5.61 6.60
C LEU B 375 -7.19 6.95 7.36
N TRP B 376 -7.96 7.05 8.45
CA TRP B 376 -7.93 8.21 9.38
C TRP B 376 -6.53 8.44 10.00
N LEU B 377 -5.72 7.38 10.08
CA LEU B 377 -4.37 7.48 10.62
C LEU B 377 -3.31 7.76 9.55
N ASP B 378 -3.39 7.02 8.42
CA ASP B 378 -2.25 6.95 7.50
C ASP B 378 -2.53 7.27 6.04
N SER B 379 -3.73 7.76 5.72
CA SER B 379 -4.10 8.05 4.32
C SER B 379 -4.84 9.39 4.28
N THR B 380 -5.66 9.61 3.25
CA THR B 380 -6.55 10.76 3.18
C THR B 380 -7.93 10.30 3.62
N TYR B 381 -8.58 11.10 4.48
CA TYR B 381 -9.83 10.68 5.13
C TYR B 381 -10.68 11.90 5.48
N PRO B 382 -12.00 11.86 5.23
CA PRO B 382 -12.66 10.83 4.40
C PRO B 382 -12.19 10.87 2.95
N THR B 383 -12.38 9.77 2.22
CA THR B 383 -11.98 9.70 0.80
C THR B 383 -12.84 10.61 -0.12
N ASN B 384 -14.01 11.03 0.35
CA ASN B 384 -14.78 12.10 -0.30
C ASN B 384 -14.05 13.46 -0.32
N ASP B 385 -13.07 13.64 0.57
CA ASP B 385 -12.14 14.77 0.52
C ASP B 385 -10.86 14.40 -0.22
N THR B 386 -10.04 15.42 -0.46
CA THR B 386 -8.70 15.29 -1.03
C THR B 386 -7.76 16.12 -0.18
N ALA B 387 -6.48 16.07 -0.50
CA ALA B 387 -5.44 16.80 0.23
C ALA B 387 -5.73 18.29 0.43
N SER B 388 -6.48 18.91 -0.48
CA SER B 388 -6.86 20.34 -0.36
C SER B 388 -7.83 20.64 0.79
N THR B 389 -8.58 19.63 1.25
CA THR B 389 -9.47 19.80 2.41
C THR B 389 -8.63 19.84 3.69
N PRO B 390 -8.82 20.88 4.52
CA PRO B 390 -7.99 20.98 5.74
C PRO B 390 -8.11 19.75 6.65
N GLY B 391 -6.97 19.16 6.98
CA GLY B 391 -6.92 18.00 7.88
C GLY B 391 -7.21 16.66 7.22
N ALA B 392 -7.50 16.64 5.92
CA ALA B 392 -7.85 15.40 5.24
C ALA B 392 -6.66 14.45 5.10
N ALA B 393 -5.49 15.00 4.81
CA ALA B 393 -4.28 14.20 4.57
C ALA B 393 -3.60 13.87 5.88
N ARG B 394 -3.54 12.59 6.21
CA ARG B 394 -2.88 12.11 7.43
C ARG B 394 -1.66 11.25 7.21
N GLY B 395 -1.46 10.76 5.97
CA GLY B 395 -0.30 9.98 5.65
C GLY B 395 -0.27 9.63 4.18
N THR B 396 0.72 8.82 3.80
CA THR B 396 1.00 8.54 2.40
C THR B 396 0.39 7.24 1.88
N CYS B 397 -0.36 6.53 2.72
CA CYS B 397 -0.97 5.27 2.29
C CYS B 397 -2.08 5.55 1.28
N SER B 398 -2.26 4.62 0.36
CA SER B 398 -3.32 4.72 -0.63
C SER B 398 -4.67 4.74 0.05
N THR B 399 -5.63 5.46 -0.52
CA THR B 399 -7.00 5.40 -0.03
C THR B 399 -7.68 4.02 -0.20
N SER B 400 -7.10 3.14 -1.02
N SER B 400 -7.09 3.13 -1.01
CA SER B 400 -7.55 1.75 -1.14
CA SER B 400 -7.56 1.75 -1.13
C SER B 400 -6.88 0.78 -0.15
C SER B 400 -6.81 0.77 -0.21
N SER B 401 -5.93 1.27 0.66
CA SER B 401 -5.18 0.42 1.59
C SER B 401 -5.99 0.07 2.83
N GLY B 402 -5.48 -0.93 3.56
CA GLY B 402 -5.94 -1.25 4.90
C GLY B 402 -7.20 -2.07 5.05
N VAL B 403 -7.71 -2.63 3.95
CA VAL B 403 -8.87 -3.50 4.05
C VAL B 403 -8.44 -4.73 4.87
N PRO B 404 -9.12 -5.01 6.00
CA PRO B 404 -8.64 -6.08 6.88
C PRO B 404 -8.35 -7.43 6.21
N ALA B 405 -9.30 -7.94 5.42
CA ALA B 405 -9.09 -9.24 4.76
C ALA B 405 -7.84 -9.21 3.89
N THR B 406 -7.59 -8.08 3.24
CA THR B 406 -6.41 -7.94 2.38
C THR B 406 -5.11 -7.88 3.18
N VAL B 407 -5.03 -7.02 4.17
CA VAL B 407 -3.80 -6.90 4.97
C VAL B 407 -3.50 -8.16 5.77
N GLU B 408 -4.54 -8.84 6.23
CA GLU B 408 -4.36 -10.12 6.94
C GLU B 408 -3.77 -11.20 6.02
N GLN B 409 -4.21 -11.24 4.77
N GLN B 409 -4.23 -11.22 4.78
CA GLN B 409 -3.68 -12.21 3.80
CA GLN B 409 -3.74 -12.14 3.75
C GLN B 409 -2.30 -11.83 3.30
C GLN B 409 -2.33 -11.82 3.30
N GLN B 410 -2.07 -10.54 3.06
CA GLN B 410 -0.81 -10.08 2.44
C GLN B 410 0.35 -9.83 3.38
N SER B 411 0.06 -9.42 4.61
CA SER B 411 1.10 -9.07 5.59
C SER B 411 0.87 -9.73 6.96
N PRO B 412 0.62 -11.05 6.97
CA PRO B 412 0.32 -11.72 8.26
C PRO B 412 1.45 -11.70 9.30
N ASN B 413 2.70 -11.59 8.85
CA ASN B 413 3.85 -11.62 9.76
C ASN B 413 4.27 -10.23 10.25
N SER B 414 3.45 -9.22 9.97
CA SER B 414 3.55 -7.92 10.61
C SER B 414 3.55 -8.09 12.11
N LYS B 415 4.17 -7.15 12.80
N LYS B 415 4.19 -7.17 12.81
CA LYS B 415 4.26 -7.19 14.25
CA LYS B 415 4.22 -7.19 14.26
C LYS B 415 4.69 -5.84 14.77
C LYS B 415 4.69 -5.84 14.78
N VAL B 416 4.42 -5.62 16.07
CA VAL B 416 4.93 -4.45 16.78
C VAL B 416 5.74 -4.96 17.97
N VAL B 417 6.79 -4.23 18.32
CA VAL B 417 7.66 -4.58 19.46
C VAL B 417 7.75 -3.35 20.34
N PHE B 418 7.19 -3.44 21.54
CA PHE B 418 7.27 -2.39 22.55
C PHE B 418 8.36 -2.80 23.54
N SER B 419 9.15 -1.85 24.01
CA SER B 419 10.16 -2.17 25.01
C SER B 419 10.55 -0.99 25.87
N ASN B 420 11.26 -1.29 26.97
CA ASN B 420 11.91 -0.31 27.80
C ASN B 420 10.97 0.80 28.27
N ILE B 421 9.82 0.38 28.80
CA ILE B 421 8.87 1.31 29.40
C ILE B 421 9.52 1.96 30.63
N LYS B 422 9.43 3.29 30.70
CA LYS B 422 9.92 4.05 31.84
C LYS B 422 8.88 5.11 32.24
N PHE B 423 8.70 5.32 33.53
CA PHE B 423 7.67 6.23 34.03
C PHE B 423 8.15 6.93 35.28
N GLY B 424 7.90 8.23 35.35
CA GLY B 424 8.22 8.99 36.55
C GLY B 424 7.89 10.45 36.36
N PRO B 425 8.33 11.30 37.29
CA PRO B 425 8.10 12.73 37.11
C PRO B 425 8.75 13.26 35.84
N ILE B 426 8.18 14.34 35.33
CA ILE B 426 8.75 15.02 34.14
C ILE B 426 10.23 15.28 34.37
N GLY B 427 11.03 14.89 33.38
CA GLY B 427 12.47 15.02 33.41
C GLY B 427 13.25 13.86 34.02
N SER B 428 12.55 12.88 34.59
CA SER B 428 13.20 11.81 35.35
C SER B 428 13.61 10.58 34.54
N THR B 429 13.03 10.36 33.36
CA THR B 429 13.26 9.08 32.65
C THR B 429 14.44 9.07 31.68
N GLY B 430 14.99 10.25 31.39
CA GLY B 430 15.95 10.40 30.30
C GLY B 430 17.40 10.47 30.76
#